data_1S5J
#
_entry.id   1S5J
#
_cell.length_a   187.470
_cell.length_b   68.800
_cell.length_c   125.850
_cell.angle_alpha   90.00
_cell.angle_beta   107.94
_cell.angle_gamma   90.00
#
_symmetry.space_group_name_H-M   'C 1 2 1'
#
loop_
_entity.id
_entity.type
_entity.pdbx_description
1 polymer 'DNA polymerase I'
2 non-polymer 'SULFATE ION'
3 non-polymer 'MAGNESIUM ION'
4 water water
#
_entity_poly.entity_id   1
_entity_poly.type   'polypeptide(L)'
_entity_poly.pdbx_seq_one_letter_code
;VVRREWLEEAQENKIYFLLQVDYDGKKGKAVCKLFDKETQKIYALYDNTGHKPYFLVDLEPDKVGKIPKIVRDPSFDHIE
TVSKIDPYTWNKFKLTKIVVRDPLAVRRLRNDVPKAYEAHIKYFNNYMYDIGLIPGMPYVVKNGKLESVYLSLDEKDVEE
IKKAFADSDEMTRQMAVDWLPIFETEIPKIKRVAIDIEVYTPVKGRIPDSQKAEFPIISIALAGSDGLKKVLVLNRNDVN
EGSVKLDGISVERFNTEYELLGRFFDILLEYPIVLTFNGDDFDLPYIYFRALKLGYFPEEIPIDVAGKDEAKYLAGLHID
LYKFFFNKAVRNYAFEGKYNEYNLDAVAKALLGTSKVKVDTLISFLDVEKLIEYNFRDAEITLQLTTFNNDLTMKLIVLF
SRISRLGIEELTRTEISTWVKNLYYWEHRKRNWLIPLKEEILAKSSNIRTSALIKGKGYKGAVVIDPPAGIFFNITVLDF
ASLYPSIIRTWNLSYETVDIQQCKKPYEVKDETGEVLHIVCMDRPGITAVITGLLRDFRVKIYKKKAKNPNNSEEQKLLY
DVVQRAMKVFINATYGVFGAETFPLYAPRVAESVTALGRYVITSTVKKAREEGLTVLYGDTDSLFLLNPPKNSLENIIKW
VKTTFNLDLEVDKTYKFVAFSGLKKNYFGVYQDGKVDIKGMLVKKRNTPEFVKKVFNEVKELMISINSPNDVKEIKRKIV
DVVKGSYEKLKNKGYNLDELAFKVMLSKPLDAYKKNTPQHVKAALQLRPFGVNVLPRDIIYYVKVRSKDGVKPVQLAKVT
EIDAEKYLEALRSTFEQILRAFGVSWDEIAATMSIDSFFSYPSKGNS
;
_entity_poly.pdbx_strand_id   A
#
# COMPACT_ATOMS: atom_id res chain seq x y z
N GLU A 5 -4.77 -14.32 29.93
CA GLU A 5 -5.05 -12.89 29.68
C GLU A 5 -6.28 -12.82 28.82
N TRP A 6 -6.44 -11.75 28.06
CA TRP A 6 -7.50 -11.67 27.09
C TRP A 6 -7.49 -12.75 26.02
N LEU A 7 -6.34 -13.32 25.69
CA LEU A 7 -6.27 -14.32 24.65
C LEU A 7 -6.11 -15.68 25.26
N GLU A 8 -6.91 -16.63 24.80
CA GLU A 8 -6.77 -17.99 25.19
C GLU A 8 -5.74 -18.58 24.28
N GLU A 9 -5.14 -19.65 24.76
CA GLU A 9 -4.05 -20.30 24.05
C GLU A 9 -4.63 -21.16 22.94
N ALA A 10 -3.93 -21.24 21.81
CA ALA A 10 -4.33 -22.10 20.70
C ALA A 10 -4.16 -23.57 21.06
N GLN A 11 -4.95 -24.44 20.45
CA GLN A 11 -4.92 -25.86 20.81
C GLN A 11 -4.15 -26.70 19.84
N GLU A 12 -3.60 -27.78 20.38
CA GLU A 12 -2.84 -28.75 19.64
C GLU A 12 -3.72 -29.37 18.56
N ASN A 13 -3.25 -29.30 17.33
CA ASN A 13 -3.88 -29.96 16.18
C ASN A 13 -5.25 -29.41 15.82
N LYS A 14 -5.42 -28.10 15.98
CA LYS A 14 -6.52 -27.34 15.39
C LYS A 14 -5.89 -26.44 14.34
N ILE A 15 -6.73 -25.95 13.42
CA ILE A 15 -6.30 -25.19 12.27
C ILE A 15 -6.76 -23.74 12.42
N TYR A 16 -5.86 -22.82 12.20
CA TYR A 16 -6.13 -21.40 12.35
C TYR A 16 -5.48 -20.63 11.19
N PHE A 17 -5.94 -19.42 10.97
CA PHE A 17 -5.27 -18.47 10.10
C PHE A 17 -4.34 -17.58 10.92
N LEU A 18 -3.06 -17.54 10.55
CA LEU A 18 -2.10 -16.66 11.17
C LEU A 18 -2.39 -15.27 10.67
N LEU A 19 -2.35 -14.29 11.56
CA LEU A 19 -2.70 -12.93 11.23
C LEU A 19 -1.50 -12.02 11.49
N GLN A 20 -0.69 -12.37 12.48
CA GLN A 20 0.50 -11.62 12.83
C GLN A 20 1.21 -12.26 14.02
N VAL A 21 2.45 -11.84 14.22
CA VAL A 21 3.15 -12.18 15.42
C VAL A 21 3.58 -10.93 16.17
N ASP A 22 3.50 -11.06 17.49
CA ASP A 22 3.77 -9.99 18.41
C ASP A 22 4.87 -10.50 19.32
N TYR A 23 5.34 -9.63 20.19
CA TYR A 23 6.22 -10.05 21.26
C TYR A 23 5.55 -9.86 22.62
N ASP A 24 5.65 -10.86 23.47
CA ASP A 24 5.18 -10.75 24.83
C ASP A 24 6.40 -10.49 25.67
N GLY A 25 6.53 -9.27 26.17
CA GLY A 25 7.61 -8.91 27.07
C GLY A 25 7.56 -9.70 28.37
N LYS A 26 6.37 -9.91 28.90
CA LYS A 26 6.19 -10.67 30.13
C LYS A 26 6.68 -12.12 30.05
N LYS A 27 6.17 -12.91 29.11
CA LYS A 27 6.65 -14.27 28.92
C LYS A 27 8.00 -14.33 28.18
N GLY A 28 8.44 -13.22 27.59
CA GLY A 28 9.67 -13.17 26.79
C GLY A 28 9.71 -14.12 25.59
N LYS A 29 8.65 -14.11 24.81
CA LYS A 29 8.48 -15.02 23.67
C LYS A 29 7.72 -14.32 22.56
N ALA A 30 7.91 -14.75 21.33
CA ALA A 30 7.04 -14.31 20.25
C ALA A 30 5.73 -15.07 20.43
N VAL A 31 4.63 -14.40 20.12
CA VAL A 31 3.27 -14.96 20.16
C VAL A 31 2.64 -14.87 18.80
N CYS A 32 2.20 -15.97 18.24
CA CYS A 32 1.40 -15.95 17.04
C CYS A 32 -0.06 -15.70 17.41
N LYS A 33 -0.68 -14.77 16.69
CA LYS A 33 -2.06 -14.45 16.83
C LYS A 33 -2.82 -15.23 15.77
N LEU A 34 -3.62 -16.19 16.23
CA LEU A 34 -4.25 -17.14 15.34
C LEU A 34 -5.77 -16.98 15.32
N PHE A 35 -6.30 -16.79 14.12
CA PHE A 35 -7.70 -16.63 13.88
C PHE A 35 -8.40 -17.93 13.62
N ASP A 36 -9.50 -18.17 14.33
CA ASP A 36 -10.35 -19.33 14.11
C ASP A 36 -11.68 -18.89 13.50
N LYS A 37 -11.94 -19.30 12.26
CA LYS A 37 -13.23 -18.98 11.65
C LYS A 37 -14.46 -19.58 12.41
N GLU A 38 -14.35 -20.78 12.94
CA GLU A 38 -15.47 -21.34 13.70
C GLU A 38 -15.97 -20.42 14.84
N THR A 39 -15.11 -20.13 15.82
CA THR A 39 -15.47 -19.29 16.97
C THR A 39 -15.43 -17.78 16.71
N GLN A 40 -14.86 -17.38 15.58
CA GLN A 40 -14.59 -15.97 15.28
C GLN A 40 -13.79 -15.30 16.39
N LYS A 41 -12.67 -15.92 16.75
CA LYS A 41 -11.84 -15.41 17.83
C LYS A 41 -10.38 -15.53 17.48
N ILE A 42 -9.56 -14.79 18.22
CA ILE A 42 -8.12 -14.84 18.07
C ILE A 42 -7.49 -15.45 19.30
N TYR A 43 -6.60 -16.39 19.08
CA TYR A 43 -5.87 -17.09 20.10
C TYR A 43 -4.37 -16.87 19.92
N ALA A 44 -3.62 -17.29 20.92
CA ALA A 44 -2.20 -17.06 21.01
C ALA A 44 -1.46 -18.38 21.03
N LEU A 45 -0.40 -18.45 20.26
CA LEU A 45 0.55 -19.54 20.37
C LEU A 45 1.85 -18.90 20.73
N TYR A 46 2.42 -19.27 21.89
CA TYR A 46 3.72 -18.75 22.29
C TYR A 46 4.80 -19.65 21.77
N ASP A 47 5.90 -19.03 21.34
CA ASP A 47 6.99 -19.74 20.73
C ASP A 47 7.50 -20.82 21.65
N ASN A 48 7.54 -22.05 21.18
CA ASN A 48 8.11 -23.17 21.94
C ASN A 48 9.44 -23.67 21.34
N THR A 49 10.03 -22.92 20.43
CA THR A 49 11.33 -23.28 19.92
C THR A 49 12.31 -22.56 20.82
N GLY A 50 13.58 -22.69 20.58
CA GLY A 50 14.46 -21.93 21.48
C GLY A 50 14.58 -20.42 21.24
N HIS A 51 13.72 -19.83 20.40
CA HIS A 51 14.06 -18.57 19.71
C HIS A 51 14.22 -17.35 20.61
N LYS A 52 15.34 -16.67 20.43
CA LYS A 52 15.64 -15.46 21.17
C LYS A 52 16.06 -14.34 20.25
N PRO A 53 15.91 -13.11 20.71
CA PRO A 53 16.39 -11.97 19.94
C PRO A 53 17.93 -12.01 19.75
N TYR A 54 18.41 -11.51 18.62
CA TYR A 54 19.83 -11.54 18.37
C TYR A 54 20.23 -10.58 17.27
N PHE A 55 21.52 -10.31 17.21
CA PHE A 55 22.13 -9.67 16.04
C PHE A 55 23.48 -10.30 15.67
N LEU A 56 23.99 -9.95 14.50
CA LEU A 56 25.20 -10.55 14.01
C LEU A 56 26.35 -9.53 14.04
N VAL A 57 27.56 -10.03 14.27
CA VAL A 57 28.77 -9.22 14.14
C VAL A 57 29.84 -10.03 13.45
N ASP A 58 30.58 -9.36 12.57
CA ASP A 58 31.70 -9.98 11.89
C ASP A 58 33.00 -9.72 12.66
N LEU A 59 33.02 -10.04 13.95
CA LEU A 59 34.23 -10.18 14.73
C LEU A 59 34.33 -11.66 15.08
N GLU A 60 35.24 -12.04 15.98
CA GLU A 60 35.45 -13.43 16.35
C GLU A 60 34.82 -13.65 17.73
N PRO A 61 34.31 -14.84 18.00
CA PRO A 61 33.69 -15.10 19.30
C PRO A 61 34.57 -14.65 20.48
N ASP A 62 35.87 -14.93 20.42
CA ASP A 62 36.78 -14.57 21.51
C ASP A 62 36.97 -13.06 21.67
N LYS A 63 36.95 -12.33 20.56
CA LYS A 63 37.02 -10.88 20.62
C LYS A 63 35.73 -10.26 21.19
N VAL A 64 34.56 -10.76 20.77
CA VAL A 64 33.29 -10.30 21.30
C VAL A 64 33.22 -10.56 22.81
N GLY A 65 33.79 -11.68 23.25
CA GLY A 65 33.84 -12.02 24.66
C GLY A 65 34.70 -11.12 25.53
N LYS A 66 35.51 -10.25 24.91
CA LYS A 66 36.35 -9.27 25.62
C LYS A 66 35.76 -7.86 25.61
N ILE A 67 34.52 -7.74 25.13
CA ILE A 67 33.76 -6.50 25.22
C ILE A 67 32.84 -6.61 26.46
N PRO A 68 33.25 -6.02 27.58
CA PRO A 68 32.54 -6.23 28.85
C PRO A 68 31.14 -5.58 28.94
N LYS A 69 30.82 -4.65 28.05
CA LYS A 69 29.52 -3.98 28.01
C LYS A 69 28.47 -4.94 27.44
N ILE A 70 28.91 -5.80 26.54
CA ILE A 70 28.07 -6.87 26.02
C ILE A 70 28.02 -8.04 26.98
N VAL A 71 29.17 -8.49 27.44
CA VAL A 71 29.29 -9.76 28.17
C VAL A 71 28.74 -9.67 29.60
N ARG A 72 28.81 -8.49 30.21
CA ARG A 72 28.30 -8.28 31.55
C ARG A 72 26.88 -7.71 31.57
N ASP A 73 26.28 -7.51 30.41
CA ASP A 73 24.92 -6.98 30.34
C ASP A 73 23.95 -8.02 30.92
N PRO A 74 23.00 -7.60 31.75
CA PRO A 74 22.06 -8.56 32.36
C PRO A 74 21.23 -9.35 31.35
N SER A 75 20.88 -8.74 30.21
CA SER A 75 20.20 -9.45 29.12
C SER A 75 21.12 -10.28 28.22
N PHE A 76 22.42 -10.34 28.52
CA PHE A 76 23.35 -11.10 27.67
C PHE A 76 23.13 -12.58 27.86
N ASP A 77 22.88 -13.30 26.78
CA ASP A 77 22.63 -14.73 26.87
C ASP A 77 23.88 -15.55 26.53
N HIS A 78 24.26 -15.59 25.24
CA HIS A 78 25.45 -16.31 24.81
C HIS A 78 25.90 -15.90 23.39
N ILE A 79 27.10 -16.34 22.99
CA ILE A 79 27.61 -16.11 21.66
C ILE A 79 27.66 -17.45 20.92
N GLU A 80 27.22 -17.44 19.67
CA GLU A 80 27.24 -18.58 18.76
C GLU A 80 27.95 -18.15 17.49
N THR A 81 28.05 -19.10 16.56
CA THR A 81 28.56 -18.83 15.23
C THR A 81 27.60 -19.38 14.24
N VAL A 82 27.15 -18.55 13.33
CA VAL A 82 26.26 -18.96 12.28
C VAL A 82 26.94 -18.71 10.93
N SER A 83 26.38 -19.28 9.87
CA SER A 83 26.85 -19.05 8.50
C SER A 83 25.79 -18.25 7.72
N LYS A 84 26.28 -17.52 6.72
CA LYS A 84 25.47 -16.81 5.75
C LYS A 84 26.04 -16.89 4.33
N ILE A 85 25.17 -16.73 3.34
CA ILE A 85 25.58 -16.54 1.95
C ILE A 85 25.74 -15.04 1.70
N ASP A 86 26.82 -14.67 1.02
CA ASP A 86 27.07 -13.30 0.58
C ASP A 86 26.24 -13.13 -0.68
N PRO A 87 25.29 -12.21 -0.72
CA PRO A 87 24.50 -11.99 -1.94
C PRO A 87 25.34 -11.67 -3.18
N TYR A 88 26.49 -11.04 -2.97
CA TYR A 88 27.35 -10.58 -4.06
C TYR A 88 28.05 -11.72 -4.79
N THR A 89 28.52 -12.71 -4.05
CA THR A 89 29.30 -13.83 -4.60
C THR A 89 28.62 -15.20 -4.46
N TRP A 90 27.59 -15.26 -3.60
CA TRP A 90 26.97 -16.51 -3.16
C TRP A 90 27.93 -17.43 -2.40
N ASN A 91 29.04 -16.89 -1.92
CA ASN A 91 29.98 -17.65 -1.10
C ASN A 91 29.42 -17.75 0.32
N LYS A 92 29.70 -18.85 0.99
CA LYS A 92 29.32 -19.07 2.38
C LYS A 92 30.45 -18.55 3.24
N PHE A 93 30.13 -17.81 4.30
CA PHE A 93 31.09 -17.39 5.32
C PHE A 93 30.44 -17.42 6.73
N LYS A 94 31.23 -17.20 7.77
CA LYS A 94 30.76 -17.24 9.14
C LYS A 94 30.69 -15.87 9.79
N LEU A 95 29.67 -15.69 10.62
CA LEU A 95 29.50 -14.52 11.46
C LEU A 95 29.24 -14.97 12.86
N THR A 96 29.58 -14.14 13.84
CA THR A 96 29.17 -14.44 15.21
C THR A 96 27.83 -13.79 15.57
N LYS A 97 27.12 -14.46 16.48
CA LYS A 97 25.73 -14.15 16.72
C LYS A 97 25.63 -13.91 18.18
N ILE A 98 25.22 -12.70 18.53
CA ILE A 98 25.06 -12.30 19.92
C ILE A 98 23.59 -12.48 20.32
N VAL A 99 23.30 -13.48 21.13
CA VAL A 99 21.91 -13.69 21.49
C VAL A 99 21.71 -13.06 22.82
N VAL A 100 20.66 -12.28 22.93
CA VAL A 100 20.25 -11.64 24.16
C VAL A 100 18.83 -12.09 24.53
N ARG A 101 18.36 -11.64 25.69
CA ARG A 101 17.11 -12.15 26.27
C ARG A 101 15.88 -11.39 25.83
N ASP A 102 16.06 -10.20 25.29
CA ASP A 102 14.91 -9.37 24.97
C ASP A 102 15.21 -8.41 23.81
N PRO A 103 14.19 -7.99 23.08
CA PRO A 103 14.40 -7.06 21.97
C PRO A 103 15.16 -5.77 22.33
N LEU A 104 14.95 -5.28 23.52
CA LEU A 104 15.49 -4.00 23.91
C LEU A 104 16.99 -4.05 24.07
N ALA A 105 17.49 -5.20 24.49
CA ALA A 105 18.91 -5.47 24.60
C ALA A 105 19.58 -5.49 23.23
N VAL A 106 18.85 -5.80 22.17
CA VAL A 106 19.41 -5.69 20.84
C VAL A 106 19.68 -4.24 20.52
N ARG A 107 18.74 -3.38 20.89
CA ARG A 107 18.92 -1.94 20.66
C ARG A 107 20.04 -1.35 21.49
N ARG A 108 20.21 -1.87 22.70
CA ARG A 108 21.17 -1.34 23.65
C ARG A 108 22.59 -1.73 23.24
N LEU A 109 22.77 -3.00 22.84
CA LEU A 109 24.10 -3.58 22.65
C LEU A 109 24.63 -3.45 21.23
N ARG A 110 23.80 -3.13 20.26
CA ARG A 110 24.23 -3.12 18.87
C ARG A 110 25.23 -2.03 18.49
N ASN A 111 25.43 -1.05 19.36
CA ASN A 111 26.43 0.00 19.16
C ASN A 111 27.63 -0.13 20.09
N ASP A 112 27.73 -1.24 20.82
CA ASP A 112 28.95 -1.62 21.53
C ASP A 112 29.90 -2.43 20.63
N VAL A 113 29.58 -2.47 19.34
CA VAL A 113 30.32 -3.20 18.34
C VAL A 113 30.37 -2.31 17.08
N PRO A 114 31.48 -2.30 16.35
CA PRO A 114 31.62 -1.37 15.22
C PRO A 114 30.52 -1.45 14.17
N LYS A 115 30.03 -2.66 13.86
CA LYS A 115 29.24 -2.85 12.66
C LYS A 115 28.27 -4.03 12.79
N ALA A 116 27.11 -3.76 13.41
CA ALA A 116 26.12 -4.78 13.71
C ALA A 116 25.21 -5.04 12.54
N TYR A 117 25.13 -6.30 12.11
CA TYR A 117 24.20 -6.70 11.05
C TYR A 117 22.90 -7.21 11.64
N GLU A 118 21.83 -7.09 10.85
CA GLU A 118 20.49 -7.55 11.15
C GLU A 118 20.08 -7.14 12.58
N ALA A 119 20.35 -5.89 12.94
CA ALA A 119 20.16 -5.37 14.28
C ALA A 119 19.10 -4.28 14.33
N HIS A 120 18.46 -4.00 13.20
CA HIS A 120 17.35 -3.04 13.12
C HIS A 120 16.03 -3.76 12.65
N ILE A 121 15.99 -5.05 12.79
CA ILE A 121 14.78 -5.81 12.52
C ILE A 121 14.00 -5.98 13.84
N LYS A 122 12.79 -5.45 13.87
CA LYS A 122 11.84 -5.73 14.98
C LYS A 122 11.79 -7.18 15.30
N TYR A 123 11.90 -7.52 16.57
CA TYR A 123 11.96 -8.93 16.97
C TYR A 123 10.83 -9.83 16.40
N PHE A 124 9.60 -9.33 16.31
CA PHE A 124 8.54 -10.19 15.79
C PHE A 124 8.68 -10.49 14.30
N ASN A 125 9.28 -9.56 13.54
CA ASN A 125 9.63 -9.87 12.14
C ASN A 125 10.81 -10.83 12.04
N ASN A 126 11.78 -10.66 12.91
CA ASN A 126 12.94 -11.54 12.85
C ASN A 126 12.57 -12.97 13.16
N TYR A 127 11.63 -13.15 14.08
CA TYR A 127 11.04 -14.45 14.39
C TYR A 127 10.32 -14.98 13.16
N MET A 128 9.49 -14.15 12.58
CA MET A 128 8.78 -14.54 11.35
C MET A 128 9.75 -15.04 10.24
N TYR A 129 10.82 -14.29 10.01
CA TYR A 129 11.83 -14.64 8.99
C TYR A 129 12.42 -16.00 9.25
N ASP A 130 12.81 -16.27 10.50
CA ASP A 130 13.51 -17.48 10.85
C ASP A 130 12.66 -18.72 10.89
N ILE A 131 11.43 -18.59 11.37
CA ILE A 131 10.50 -19.70 11.36
C ILE A 131 9.97 -19.94 9.99
N GLY A 132 9.98 -18.91 9.12
CA GLY A 132 9.43 -19.03 7.78
C GLY A 132 7.90 -18.88 7.69
N LEU A 133 7.32 -18.05 8.54
CA LEU A 133 5.88 -17.85 8.61
C LEU A 133 5.35 -16.83 7.61
N ILE A 134 4.10 -17.06 7.22
CA ILE A 134 3.38 -16.21 6.31
C ILE A 134 1.99 -15.85 6.90
N PRO A 135 1.80 -14.61 7.31
CA PRO A 135 0.52 -14.13 7.80
C PRO A 135 -0.53 -14.09 6.73
N GLY A 136 -1.78 -14.34 7.15
CA GLY A 136 -2.88 -14.40 6.21
C GLY A 136 -3.00 -15.78 5.64
N MET A 137 -2.30 -16.77 6.22
CA MET A 137 -2.33 -18.12 5.67
C MET A 137 -2.68 -19.14 6.76
N PRO A 138 -3.29 -20.26 6.38
CA PRO A 138 -3.72 -21.27 7.37
C PRO A 138 -2.65 -22.27 7.78
N TYR A 139 -2.64 -22.58 9.07
CA TYR A 139 -1.71 -23.50 9.67
C TYR A 139 -2.44 -24.42 10.65
N VAL A 140 -1.82 -25.55 10.91
CA VAL A 140 -2.25 -26.48 11.94
C VAL A 140 -1.20 -26.38 13.04
N VAL A 141 -1.61 -26.45 14.29
CA VAL A 141 -0.68 -26.50 15.40
C VAL A 141 -0.26 -27.95 15.60
N LYS A 142 1.01 -28.24 15.33
CA LYS A 142 1.62 -29.54 15.56
C LYS A 142 2.81 -29.36 16.49
N ASN A 143 2.75 -30.01 17.66
CA ASN A 143 3.79 -29.95 18.69
C ASN A 143 4.09 -28.53 19.07
N GLY A 144 3.04 -27.73 19.25
CA GLY A 144 3.18 -26.32 19.57
C GLY A 144 3.80 -25.43 18.48
N LYS A 145 4.02 -25.93 17.27
CA LYS A 145 4.55 -25.16 16.14
C LYS A 145 3.52 -25.12 15.02
N LEU A 146 3.66 -24.19 14.09
CA LEU A 146 2.72 -24.06 12.98
C LEU A 146 3.21 -24.88 11.78
N GLU A 147 2.35 -25.71 11.22
CA GLU A 147 2.66 -26.39 9.96
C GLU A 147 1.60 -25.99 8.94
N SER A 148 2.03 -25.74 7.72
CA SER A 148 1.11 -25.25 6.70
C SER A 148 0.15 -26.38 6.33
N VAL A 149 -1.03 -26.05 5.88
CA VAL A 149 -2.04 -27.09 5.67
C VAL A 149 -2.04 -27.48 4.22
N TYR A 150 -2.66 -28.64 3.97
CA TYR A 150 -2.80 -29.18 2.65
C TYR A 150 -3.64 -28.23 1.83
N LEU A 151 -3.13 -27.87 0.65
CA LEU A 151 -3.89 -27.07 -0.28
C LEU A 151 -4.35 -27.95 -1.45
N SER A 152 -5.65 -27.96 -1.68
CA SER A 152 -6.25 -28.72 -2.79
C SER A 152 -6.25 -27.84 -4.05
N LEU A 153 -5.41 -28.19 -5.01
CA LEU A 153 -5.35 -27.51 -6.31
C LEU A 153 -5.66 -28.46 -7.47
N ASP A 154 -6.30 -27.93 -8.51
CA ASP A 154 -6.42 -28.67 -9.76
C ASP A 154 -5.06 -28.90 -10.38
N GLU A 155 -4.85 -30.11 -10.92
CA GLU A 155 -3.62 -30.41 -11.63
C GLU A 155 -3.40 -29.41 -12.78
N LYS A 156 -4.48 -29.08 -13.50
CA LYS A 156 -4.38 -28.15 -14.62
C LYS A 156 -3.92 -26.78 -14.17
N ASP A 157 -4.40 -26.32 -13.02
CA ASP A 157 -3.96 -25.04 -12.43
C ASP A 157 -2.45 -24.98 -12.24
N VAL A 158 -1.87 -26.04 -11.68
CA VAL A 158 -0.45 -26.04 -11.33
C VAL A 158 0.43 -26.26 -12.57
N GLU A 159 -0.07 -27.03 -13.55
CA GLU A 159 0.61 -27.20 -14.84
C GLU A 159 0.65 -25.84 -15.54
N GLU A 160 -0.43 -25.08 -15.43
CA GLU A 160 -0.54 -23.77 -16.08
C GLU A 160 0.47 -22.78 -15.48
N ILE A 161 0.73 -22.89 -14.17
CA ILE A 161 1.78 -22.09 -13.52
C ILE A 161 3.14 -22.54 -14.01
N LYS A 162 3.36 -23.85 -14.04
CA LYS A 162 4.67 -24.40 -14.38
C LYS A 162 5.05 -24.14 -15.85
N LYS A 163 4.05 -24.09 -16.73
CA LYS A 163 4.28 -23.81 -18.15
C LYS A 163 4.70 -22.37 -18.36
N ALA A 164 4.02 -21.44 -17.69
CA ALA A 164 4.36 -20.02 -17.76
C ALA A 164 5.75 -19.68 -17.24
N PHE A 165 6.32 -20.54 -16.38
CA PHE A 165 7.65 -20.30 -15.81
C PHE A 165 8.71 -21.30 -16.25
N ALA A 166 8.36 -22.20 -17.16
CA ALA A 166 9.30 -23.22 -17.67
C ALA A 166 10.58 -22.63 -18.27
N ASP A 167 10.49 -21.45 -18.87
CA ASP A 167 11.64 -20.76 -19.48
C ASP A 167 12.52 -19.99 -18.48
N SER A 168 11.99 -19.72 -17.29
CA SER A 168 12.67 -18.88 -16.30
C SER A 168 13.83 -19.63 -15.66
N ASP A 169 14.64 -18.93 -14.86
CA ASP A 169 15.78 -19.54 -14.19
C ASP A 169 15.37 -20.38 -12.97
N GLU A 170 16.30 -21.17 -12.46
CA GLU A 170 16.05 -22.09 -11.35
C GLU A 170 15.42 -21.39 -10.16
N MET A 171 15.97 -20.23 -9.83
CA MET A 171 15.49 -19.46 -8.70
C MET A 171 14.00 -19.10 -8.84
N THR A 172 13.63 -18.58 -10.01
CA THR A 172 12.26 -18.18 -10.27
C THR A 172 11.28 -19.36 -10.21
N ARG A 173 11.65 -20.49 -10.81
CA ARG A 173 10.74 -21.61 -10.99
C ARG A 173 10.35 -22.23 -9.65
N GLN A 174 11.33 -22.37 -8.76
CA GLN A 174 11.06 -22.92 -7.46
C GLN A 174 10.38 -21.84 -6.61
N MET A 175 10.73 -20.57 -6.81
CA MET A 175 10.05 -19.50 -6.08
C MET A 175 8.59 -19.40 -6.53
N ALA A 176 8.30 -19.76 -7.77
CA ALA A 176 6.93 -19.69 -8.29
C ALA A 176 6.05 -20.77 -7.69
N VAL A 177 6.58 -21.98 -7.59
CA VAL A 177 5.87 -23.04 -6.92
C VAL A 177 5.74 -22.77 -5.40
N ASP A 178 6.75 -22.15 -4.79
CA ASP A 178 6.72 -21.81 -3.36
C ASP A 178 5.70 -20.70 -2.99
N TRP A 179 5.30 -19.87 -3.96
CA TRP A 179 4.38 -18.76 -3.72
C TRP A 179 2.95 -19.07 -4.12
N LEU A 180 2.78 -20.00 -5.04
CA LEU A 180 1.47 -20.41 -5.50
C LEU A 180 0.38 -20.42 -4.41
N PRO A 181 0.61 -21.10 -3.27
CA PRO A 181 -0.44 -21.22 -2.24
C PRO A 181 -1.02 -19.89 -1.79
N ILE A 182 -0.20 -18.85 -1.68
CA ILE A 182 -0.71 -17.57 -1.20
C ILE A 182 -1.59 -16.83 -2.21
N PHE A 183 -1.68 -17.32 -3.45
CA PHE A 183 -2.60 -16.77 -4.41
C PHE A 183 -3.79 -17.67 -4.69
N GLU A 184 -3.79 -18.89 -4.15
CA GLU A 184 -4.88 -19.82 -4.39
C GLU A 184 -5.66 -20.14 -3.11
N THR A 185 -5.20 -19.63 -2.00
CA THR A 185 -5.76 -19.97 -0.71
C THR A 185 -6.86 -18.97 -0.42
N GLU A 186 -8.03 -19.48 -0.08
CA GLU A 186 -9.15 -18.69 0.37
C GLU A 186 -8.76 -17.68 1.45
N ILE A 187 -9.46 -16.56 1.42
CA ILE A 187 -9.36 -15.53 2.45
C ILE A 187 -10.55 -15.70 3.44
N PRO A 188 -10.25 -15.72 4.73
CA PRO A 188 -11.28 -15.92 5.76
C PRO A 188 -12.18 -14.69 5.91
N LYS A 189 -13.45 -14.89 6.16
CA LYS A 189 -14.34 -13.79 6.53
C LYS A 189 -14.16 -13.52 8.01
N ILE A 190 -13.64 -12.36 8.35
CA ILE A 190 -13.31 -12.05 9.73
C ILE A 190 -14.35 -11.08 10.29
N LYS A 191 -15.06 -11.49 11.35
CA LYS A 191 -16.09 -10.67 11.97
C LYS A 191 -15.44 -9.42 12.54
N ARG A 192 -16.11 -8.29 12.42
CA ARG A 192 -15.49 -7.04 12.78
C ARG A 192 -16.48 -5.92 13.06
N VAL A 193 -16.06 -5.00 13.91
CA VAL A 193 -16.89 -3.87 14.29
C VAL A 193 -16.09 -2.58 14.19
N ALA A 194 -16.58 -1.65 13.38
CA ALA A 194 -16.07 -0.30 13.40
C ALA A 194 -16.74 0.49 14.52
N ILE A 195 -15.95 1.31 15.20
CA ILE A 195 -16.47 2.11 16.31
C ILE A 195 -16.08 3.56 16.12
N ASP A 196 -16.86 4.43 16.74
CA ASP A 196 -16.68 5.87 16.62
C ASP A 196 -17.29 6.53 17.85
N ILE A 197 -16.53 7.38 18.53
CA ILE A 197 -17.04 8.10 19.71
C ILE A 197 -17.28 9.57 19.41
N GLU A 198 -18.03 10.20 20.29
CA GLU A 198 -18.24 11.63 20.29
C GLU A 198 -18.01 12.09 21.71
N VAL A 199 -17.31 13.19 21.89
CA VAL A 199 -17.10 13.69 23.23
C VAL A 199 -17.63 15.12 23.35
N TYR A 200 -17.85 15.53 24.57
CA TYR A 200 -18.37 16.85 24.87
C TYR A 200 -17.30 17.91 24.71
N THR A 201 -17.63 18.96 23.99
CA THR A 201 -16.76 20.10 23.74
C THR A 201 -17.53 21.37 24.07
N PRO A 202 -17.19 22.08 25.14
CA PRO A 202 -17.80 23.40 25.39
C PRO A 202 -17.53 24.39 24.24
N VAL A 203 -16.27 24.58 23.86
CA VAL A 203 -15.94 25.37 22.66
C VAL A 203 -16.07 24.45 21.44
N LYS A 204 -16.48 25.01 20.30
CA LYS A 204 -16.84 24.18 19.14
C LYS A 204 -15.61 23.61 18.40
N GLY A 205 -14.78 24.49 17.85
CA GLY A 205 -13.58 24.05 17.13
C GLY A 205 -12.39 23.85 18.06
N ARG A 206 -12.32 22.68 18.69
CA ARG A 206 -11.25 22.35 19.64
C ARG A 206 -11.21 20.85 19.89
N ILE A 207 -10.25 20.16 19.30
CA ILE A 207 -10.17 18.71 19.43
C ILE A 207 -9.51 18.40 20.77
N PRO A 208 -10.23 17.67 21.62
CA PRO A 208 -9.73 17.40 22.97
C PRO A 208 -8.55 16.42 23.00
N ASP A 209 -7.61 16.67 23.90
CA ASP A 209 -6.49 15.78 24.07
C ASP A 209 -7.02 14.45 24.56
N SER A 210 -6.68 13.39 23.85
CA SER A 210 -7.19 12.06 24.18
C SER A 210 -6.43 11.43 25.34
N GLN A 211 -5.29 11.99 25.70
CA GLN A 211 -4.54 11.55 26.87
C GLN A 211 -5.12 12.13 28.14
N LYS A 212 -5.49 13.42 28.06
CA LYS A 212 -6.02 14.15 29.21
C LYS A 212 -7.46 13.69 29.45
N ALA A 213 -8.17 13.46 28.35
CA ALA A 213 -9.53 12.92 28.36
C ALA A 213 -10.38 13.70 29.37
N GLU A 214 -10.37 15.00 29.19
CA GLU A 214 -10.94 15.92 30.18
C GLU A 214 -12.47 15.85 30.18
N PHE A 215 -13.07 15.57 29.03
CA PHE A 215 -14.52 15.64 28.88
C PHE A 215 -15.17 14.28 28.66
N PRO A 216 -16.43 14.17 29.08
CA PRO A 216 -17.17 12.91 28.92
C PRO A 216 -17.39 12.48 27.47
N ILE A 217 -17.42 11.17 27.27
CA ILE A 217 -17.92 10.58 26.04
C ILE A 217 -19.44 10.67 26.10
N ILE A 218 -20.03 11.33 25.11
CA ILE A 218 -21.48 11.45 25.01
C ILE A 218 -22.14 10.36 24.18
N SER A 219 -21.42 9.79 23.22
CA SER A 219 -21.87 8.55 22.59
C SER A 219 -20.78 7.74 21.91
N ILE A 220 -21.04 6.44 21.74
CA ILE A 220 -20.21 5.60 20.91
C ILE A 220 -21.12 4.84 19.97
N ALA A 221 -20.74 4.82 18.70
CA ALA A 221 -21.42 4.02 17.69
C ALA A 221 -20.60 2.76 17.37
N LEU A 222 -21.32 1.68 17.12
CA LEU A 222 -20.74 0.42 16.74
C LEU A 222 -21.51 -0.11 15.55
N ALA A 223 -20.83 -0.28 14.42
CA ALA A 223 -21.38 -0.92 13.25
C ALA A 223 -20.60 -2.21 13.00
N GLY A 224 -21.26 -3.36 13.14
CA GLY A 224 -20.65 -4.65 12.95
C GLY A 224 -21.00 -5.34 11.64
N SER A 225 -20.05 -6.10 11.09
CA SER A 225 -20.26 -6.84 9.84
C SER A 225 -21.22 -8.01 9.97
N ASP A 226 -21.59 -8.38 11.18
CA ASP A 226 -22.67 -9.35 11.41
C ASP A 226 -24.08 -8.72 11.50
N GLY A 227 -24.23 -7.50 11.01
CA GLY A 227 -25.48 -6.77 11.13
C GLY A 227 -25.65 -5.85 12.32
N LEU A 228 -24.67 -5.77 13.22
CA LEU A 228 -24.84 -4.90 14.42
C LEU A 228 -24.88 -3.42 14.05
N LYS A 229 -25.90 -2.73 14.58
CA LYS A 229 -26.03 -1.29 14.46
C LYS A 229 -26.40 -0.73 15.84
N LYS A 230 -25.47 -0.05 16.49
CA LYS A 230 -25.61 0.34 17.89
C LYS A 230 -25.18 1.75 18.11
N VAL A 231 -25.86 2.45 19.01
CA VAL A 231 -25.34 3.68 19.54
C VAL A 231 -25.66 3.70 21.03
N LEU A 232 -24.60 3.88 21.82
CA LEU A 232 -24.68 4.00 23.26
C LEU A 232 -24.60 5.48 23.56
N VAL A 233 -25.59 6.03 24.25
CA VAL A 233 -25.60 7.47 24.49
C VAL A 233 -25.71 7.77 25.98
N LEU A 234 -24.98 8.81 26.38
CA LEU A 234 -24.97 9.29 27.75
C LEU A 234 -26.13 10.28 27.92
N ASN A 235 -27.07 9.92 28.80
CA ASN A 235 -28.11 10.84 29.24
C ASN A 235 -27.48 12.00 29.95
N ARG A 236 -27.75 13.22 29.49
CA ARG A 236 -27.08 14.39 30.02
C ARG A 236 -27.95 15.24 30.96
N ASN A 237 -29.16 15.55 30.53
CA ASN A 237 -30.07 16.34 31.37
C ASN A 237 -31.41 15.59 31.58
N ASP A 238 -31.28 14.30 31.87
CA ASP A 238 -32.40 13.38 32.09
C ASP A 238 -31.88 12.07 32.73
N VAL A 239 -32.78 11.17 33.11
CA VAL A 239 -32.38 9.96 33.84
C VAL A 239 -33.32 8.75 33.63
N ASN A 240 -33.40 8.21 32.41
CA ASN A 240 -33.78 6.79 32.26
C ASN A 240 -33.18 6.10 31.03
N GLU A 241 -32.97 4.80 31.21
CA GLU A 241 -32.07 4.00 30.40
C GLU A 241 -32.80 3.14 29.35
N GLY A 242 -33.99 3.59 28.92
CA GLY A 242 -34.80 2.85 27.96
C GLY A 242 -34.13 2.67 26.61
N SER A 243 -34.37 1.51 25.98
CA SER A 243 -33.75 1.15 24.71
C SER A 243 -34.74 1.26 23.53
N VAL A 244 -34.29 1.84 22.41
CA VAL A 244 -35.12 1.99 21.20
C VAL A 244 -34.39 1.74 19.87
N LYS A 245 -35.15 1.69 18.78
CA LYS A 245 -34.62 1.51 17.44
C LYS A 245 -34.85 2.80 16.64
N LEU A 246 -33.90 3.16 15.77
CA LEU A 246 -34.01 4.40 14.99
C LEU A 246 -33.59 4.14 13.56
N ASP A 247 -34.57 3.93 12.68
CA ASP A 247 -34.28 3.40 11.34
C ASP A 247 -33.24 2.24 11.37
N GLY A 248 -33.50 1.20 12.15
CA GLY A 248 -32.60 0.05 12.24
C GLY A 248 -31.46 0.09 13.27
N ILE A 249 -31.24 1.24 13.90
CA ILE A 249 -30.16 1.41 14.86
C ILE A 249 -30.62 1.20 16.28
N SER A 250 -30.18 0.11 16.91
CA SER A 250 -30.37 -0.10 18.32
C SER A 250 -29.63 0.97 19.15
N VAL A 251 -30.41 1.86 19.78
CA VAL A 251 -29.92 2.88 20.70
C VAL A 251 -30.10 2.43 22.14
N GLU A 252 -29.02 2.39 22.93
CA GLU A 252 -29.07 2.14 24.37
C GLU A 252 -28.64 3.39 25.09
N ARG A 253 -29.20 3.60 26.27
CA ARG A 253 -29.00 4.83 27.03
C ARG A 253 -28.52 4.58 28.44
N PHE A 254 -27.72 5.51 28.94
CA PHE A 254 -27.00 5.35 30.20
C PHE A 254 -26.97 6.62 31.01
N ASN A 255 -27.13 6.50 32.32
CA ASN A 255 -26.98 7.66 33.21
C ASN A 255 -25.55 7.94 33.61
N THR A 256 -24.72 6.91 33.77
CA THR A 256 -23.29 7.08 34.00
C THR A 256 -22.42 6.63 32.81
N GLU A 257 -21.35 7.36 32.59
CA GLU A 257 -20.37 7.04 31.57
C GLU A 257 -19.62 5.75 31.89
N TYR A 258 -19.49 5.43 33.19
CA TYR A 258 -18.89 4.18 33.62
C TYR A 258 -19.59 2.96 32.98
N GLU A 259 -20.92 2.98 33.00
CA GLU A 259 -21.72 1.84 32.53
C GLU A 259 -21.90 1.87 31.02
N LEU A 260 -21.92 3.06 30.44
CA LEU A 260 -21.79 3.18 29.00
C LEU A 260 -20.51 2.46 28.50
N LEU A 261 -19.37 2.67 29.14
CA LEU A 261 -18.12 2.08 28.62
C LEU A 261 -18.12 0.63 28.95
N GLY A 262 -18.70 0.27 30.10
CA GLY A 262 -18.85 -1.12 30.51
C GLY A 262 -19.44 -1.91 29.38
N ARG A 263 -20.49 -1.38 28.79
CA ARG A 263 -21.29 -2.09 27.81
C ARG A 263 -20.62 -2.01 26.44
N PHE A 264 -19.94 -0.91 26.17
CA PHE A 264 -19.07 -0.84 25.02
C PHE A 264 -18.01 -1.95 25.05
N PHE A 265 -17.43 -2.26 26.22
CA PHE A 265 -16.43 -3.34 26.30
C PHE A 265 -17.05 -4.70 26.02
N ASP A 266 -18.26 -4.92 26.55
CA ASP A 266 -18.96 -6.20 26.40
C ASP A 266 -19.21 -6.50 24.94
N ILE A 267 -19.57 -5.49 24.18
CA ILE A 267 -19.89 -5.67 22.78
C ILE A 267 -18.58 -5.79 21.98
N LEU A 268 -17.62 -4.92 22.25
CA LEU A 268 -16.32 -4.97 21.59
C LEU A 268 -15.77 -6.39 21.64
N LEU A 269 -15.86 -6.98 22.82
CA LEU A 269 -15.28 -8.29 23.12
C LEU A 269 -15.92 -9.45 22.35
N GLU A 270 -17.01 -9.20 21.64
CA GLU A 270 -17.58 -10.18 20.72
C GLU A 270 -16.86 -10.26 19.39
N TYR A 271 -16.02 -9.26 19.09
CA TYR A 271 -15.33 -9.14 17.79
C TYR A 271 -13.84 -9.42 17.88
N PRO A 272 -13.31 -10.17 16.91
CA PRO A 272 -11.85 -10.37 16.83
C PRO A 272 -11.17 -9.16 16.26
N ILE A 273 -11.82 -8.34 15.44
CA ILE A 273 -11.19 -7.13 14.91
C ILE A 273 -12.07 -5.91 15.22
N VAL A 274 -11.42 -4.83 15.67
CA VAL A 274 -12.05 -3.53 15.84
C VAL A 274 -11.46 -2.62 14.76
N LEU A 275 -12.33 -1.91 14.07
CA LEU A 275 -11.97 -0.96 13.04
C LEU A 275 -12.26 0.43 13.58
N THR A 276 -11.35 1.36 13.33
CA THR A 276 -11.57 2.78 13.57
C THR A 276 -11.07 3.57 12.39
N PHE A 277 -11.31 4.87 12.43
CA PHE A 277 -10.75 5.81 11.49
C PHE A 277 -10.16 6.88 12.35
N ASN A 278 -8.84 6.85 12.49
CA ASN A 278 -8.08 7.68 13.43
C ASN A 278 -8.24 7.30 14.90
N GLY A 279 -8.56 6.04 15.17
CA GLY A 279 -8.67 5.56 16.53
C GLY A 279 -7.38 5.35 17.28
N ASP A 280 -6.25 5.15 16.57
CA ASP A 280 -4.95 5.10 17.22
C ASP A 280 -4.69 6.35 18.00
N ASP A 281 -5.01 7.48 17.39
CA ASP A 281 -4.72 8.78 17.99
C ASP A 281 -5.82 9.31 18.89
N PHE A 282 -7.07 8.97 18.59
CA PHE A 282 -8.18 9.58 19.31
C PHE A 282 -9.04 8.56 20.08
N ASP A 283 -9.83 7.79 19.34
CA ASP A 283 -10.93 7.03 19.93
C ASP A 283 -10.50 6.08 21.03
N LEU A 284 -9.57 5.17 20.74
CA LEU A 284 -9.18 4.13 21.71
C LEU A 284 -8.45 4.69 22.95
N PRO A 285 -7.46 5.55 22.76
CA PRO A 285 -6.85 6.25 23.90
C PRO A 285 -7.85 7.07 24.70
N TYR A 286 -8.76 7.77 24.04
CA TYR A 286 -9.75 8.54 24.75
C TYR A 286 -10.59 7.61 25.63
N ILE A 287 -11.07 6.51 25.07
CA ILE A 287 -11.82 5.53 25.82
C ILE A 287 -10.98 5.02 26.99
N TYR A 288 -9.71 4.75 26.74
CA TYR A 288 -8.86 4.10 27.72
C TYR A 288 -8.64 5.01 28.91
N PHE A 289 -8.35 6.26 28.65
CA PHE A 289 -8.08 7.23 29.71
C PHE A 289 -9.34 7.78 30.38
N ARG A 290 -10.48 7.80 29.68
CA ARG A 290 -11.77 8.11 30.34
C ARG A 290 -12.08 7.00 31.29
N ALA A 291 -11.95 5.78 30.81
CA ALA A 291 -12.23 4.61 31.63
C ALA A 291 -11.44 4.64 32.94
N LEU A 292 -10.17 5.07 32.91
CA LEU A 292 -9.35 5.19 34.13
C LEU A 292 -9.85 6.26 35.10
N LYS A 293 -10.32 7.38 34.57
CA LYS A 293 -10.85 8.46 35.41
C LYS A 293 -12.29 8.20 35.90
N LEU A 294 -12.83 7.05 35.55
CA LEU A 294 -14.20 6.67 35.85
C LEU A 294 -14.23 5.50 36.80
N GLY A 295 -13.08 4.87 37.00
CA GLY A 295 -12.98 3.85 38.02
C GLY A 295 -12.72 2.47 37.51
N TYR A 296 -12.46 2.32 36.22
CA TYR A 296 -11.87 1.09 35.73
C TYR A 296 -10.40 0.96 36.14
N PHE A 297 -10.05 -0.21 36.64
CA PHE A 297 -8.66 -0.63 36.74
C PHE A 297 -8.07 -0.80 35.35
N PRO A 298 -6.77 -0.55 35.19
CA PRO A 298 -6.07 -0.81 33.93
C PRO A 298 -6.32 -2.19 33.31
N GLU A 299 -6.37 -3.21 34.15
CA GLU A 299 -6.45 -4.59 33.69
C GLU A 299 -7.87 -5.01 33.29
N GLU A 300 -8.86 -4.16 33.56
CA GLU A 300 -10.23 -4.41 33.08
C GLU A 300 -10.50 -3.87 31.68
N ILE A 301 -9.57 -3.08 31.17
CA ILE A 301 -9.79 -2.35 29.92
C ILE A 301 -9.06 -3.11 28.83
N PRO A 302 -9.79 -3.61 27.84
CA PRO A 302 -9.16 -4.40 26.78
C PRO A 302 -8.47 -3.53 25.72
N ILE A 303 -7.96 -2.38 26.10
CA ILE A 303 -7.16 -1.54 25.22
C ILE A 303 -5.80 -1.25 25.88
N ASP A 304 -4.74 -1.24 25.08
CA ASP A 304 -3.43 -0.81 25.53
C ASP A 304 -2.98 0.37 24.67
N VAL A 305 -2.62 1.47 25.31
CA VAL A 305 -2.13 2.63 24.59
C VAL A 305 -0.71 2.98 24.98
N ALA A 306 0.06 2.00 25.43
CA ALA A 306 1.46 2.25 25.82
C ALA A 306 2.42 2.45 24.64
N GLY A 307 2.05 1.98 23.45
CA GLY A 307 2.82 2.23 22.25
C GLY A 307 2.68 3.67 21.77
N LYS A 308 3.72 4.15 21.08
CA LYS A 308 3.86 5.57 20.75
C LYS A 308 2.68 6.15 19.95
N ASP A 309 2.43 5.65 18.76
CA ASP A 309 1.32 6.13 17.93
C ASP A 309 0.31 5.02 17.65
N GLU A 310 -0.01 4.23 18.66
CA GLU A 310 -0.72 2.98 18.47
C GLU A 310 -1.70 2.68 19.61
N ALA A 311 -2.79 2.02 19.28
CA ALA A 311 -3.77 1.55 20.25
C ALA A 311 -4.00 0.10 19.93
N LYS A 312 -3.68 -0.77 20.86
CA LYS A 312 -3.90 -2.17 20.66
C LYS A 312 -5.21 -2.59 21.34
N TYR A 313 -5.94 -3.49 20.69
CA TYR A 313 -7.13 -4.13 21.29
C TYR A 313 -6.67 -5.50 21.71
N LEU A 314 -6.70 -5.74 22.99
CA LEU A 314 -6.02 -6.85 23.61
C LEU A 314 -6.66 -8.20 23.36
N ALA A 315 -7.89 -8.22 22.87
CA ALA A 315 -8.58 -9.47 22.61
C ALA A 315 -8.68 -9.74 21.15
N GLY A 316 -7.92 -8.98 20.35
CA GLY A 316 -7.83 -9.20 18.92
C GLY A 316 -6.90 -8.25 18.19
N LEU A 317 -7.32 -7.79 17.03
CA LEU A 317 -6.56 -6.83 16.21
C LEU A 317 -7.36 -5.52 16.15
N HIS A 318 -6.67 -4.38 16.20
CA HIS A 318 -7.27 -3.11 15.93
C HIS A 318 -6.67 -2.61 14.61
N ILE A 319 -7.48 -2.43 13.56
CA ILE A 319 -7.11 -1.74 12.33
C ILE A 319 -7.63 -0.29 12.33
N ASP A 320 -6.70 0.66 12.37
CA ASP A 320 -7.03 2.04 12.17
C ASP A 320 -6.95 2.32 10.66
N LEU A 321 -8.12 2.49 10.04
CA LEU A 321 -8.23 2.58 8.59
C LEU A 321 -7.80 3.92 8.06
N TYR A 322 -7.73 4.92 8.92
CA TYR A 322 -7.13 6.16 8.52
C TYR A 322 -5.75 5.85 7.94
N LYS A 323 -4.99 5.04 8.68
CA LYS A 323 -3.60 4.74 8.36
C LYS A 323 -3.48 3.83 7.16
N PHE A 324 -4.52 3.07 6.88
CA PHE A 324 -4.51 2.21 5.71
C PHE A 324 -4.69 2.99 4.43
N PHE A 325 -5.73 3.82 4.37
CA PHE A 325 -6.04 4.57 3.16
C PHE A 325 -5.07 5.71 2.90
N PHE A 326 -4.44 6.22 3.96
CA PHE A 326 -3.41 7.24 3.90
C PHE A 326 -2.12 6.66 3.30
N ASN A 327 -1.94 5.35 3.38
CA ASN A 327 -0.84 4.70 2.71
C ASN A 327 -0.89 5.13 1.24
N LYS A 328 0.24 5.63 0.74
CA LYS A 328 0.28 6.22 -0.61
C LYS A 328 0.13 5.19 -1.70
N ALA A 329 0.78 4.04 -1.54
CA ALA A 329 0.59 2.95 -2.47
C ALA A 329 -0.85 2.43 -2.51
N VAL A 330 -1.53 2.44 -1.38
CA VAL A 330 -2.93 2.02 -1.34
C VAL A 330 -3.75 3.07 -2.08
N ARG A 331 -3.51 4.34 -1.78
CA ARG A 331 -4.25 5.43 -2.38
C ARG A 331 -4.10 5.44 -3.89
N ASN A 332 -2.85 5.44 -4.39
CA ASN A 332 -2.60 5.50 -5.83
C ASN A 332 -2.87 4.21 -6.61
N TYR A 333 -2.37 3.08 -6.12
CA TYR A 333 -2.41 1.86 -6.91
C TYR A 333 -3.53 0.88 -6.55
N ALA A 334 -4.04 0.94 -5.33
CA ALA A 334 -5.15 0.05 -4.98
C ALA A 334 -6.45 0.71 -5.43
N PHE A 335 -6.53 2.01 -5.25
CA PHE A 335 -7.77 2.74 -5.45
C PHE A 335 -7.64 3.89 -6.45
N GLU A 336 -6.64 3.83 -7.33
CA GLU A 336 -6.60 4.67 -8.54
C GLU A 336 -6.75 6.17 -8.29
N GLY A 337 -6.18 6.65 -7.18
CA GLY A 337 -6.19 8.08 -6.86
C GLY A 337 -7.55 8.71 -6.64
N LYS A 338 -8.58 7.92 -6.40
CA LYS A 338 -9.96 8.42 -6.32
C LYS A 338 -10.25 9.40 -5.18
N TYR A 339 -9.43 9.41 -4.12
CA TYR A 339 -9.55 10.42 -3.07
C TYR A 339 -8.25 11.24 -3.00
N ASN A 340 -8.39 12.54 -2.74
CA ASN A 340 -7.26 13.48 -2.59
C ASN A 340 -7.09 13.95 -1.15
N GLU A 341 -8.12 13.74 -0.34
CA GLU A 341 -8.07 14.04 1.07
C GLU A 341 -8.29 12.77 1.87
N TYR A 342 -7.75 12.74 3.08
CA TYR A 342 -7.64 11.49 3.86
C TYR A 342 -8.57 11.38 5.07
N ASN A 343 -9.46 12.38 5.23
CA ASN A 343 -10.51 12.35 6.23
C ASN A 343 -11.58 11.37 5.81
N LEU A 344 -12.45 11.01 6.76
CA LEU A 344 -13.47 9.98 6.55
C LEU A 344 -14.38 10.30 5.37
N ASP A 345 -14.96 11.49 5.39
CA ASP A 345 -15.89 11.90 4.35
C ASP A 345 -15.24 11.87 2.95
N ALA A 346 -13.99 12.29 2.85
CA ALA A 346 -13.28 12.27 1.57
C ALA A 346 -13.07 10.85 1.03
N VAL A 347 -12.64 9.93 1.89
CA VAL A 347 -12.40 8.54 1.47
C VAL A 347 -13.70 7.83 1.16
N ALA A 348 -14.71 8.06 1.99
CA ALA A 348 -16.01 7.43 1.85
C ALA A 348 -16.72 7.80 0.56
N LYS A 349 -16.66 9.07 0.20
CA LYS A 349 -17.25 9.56 -1.05
C LYS A 349 -16.57 8.94 -2.25
N ALA A 350 -15.25 8.82 -2.18
CA ALA A 350 -14.47 8.35 -3.32
C ALA A 350 -14.70 6.87 -3.55
N LEU A 351 -14.87 6.11 -2.49
CA LEU A 351 -14.92 4.65 -2.59
C LEU A 351 -16.34 4.09 -2.43
N LEU A 352 -17.21 4.84 -1.77
CA LEU A 352 -18.57 4.38 -1.53
C LEU A 352 -19.63 5.26 -2.18
N GLY A 353 -19.28 6.51 -2.48
CA GLY A 353 -20.22 7.47 -3.04
C GLY A 353 -21.35 7.83 -2.09
N THR A 354 -21.04 7.98 -0.80
CA THR A 354 -22.07 8.28 0.20
C THR A 354 -21.82 9.62 0.91
N SER A 355 -22.55 10.64 0.45
CA SER A 355 -22.68 11.93 1.13
C SER A 355 -23.84 11.84 2.14
N LYS A 358 -24.58 17.73 5.59
CA LYS A 358 -23.49 17.68 6.56
C LYS A 358 -24.02 17.92 7.98
N VAL A 359 -23.81 19.12 8.55
CA VAL A 359 -24.12 19.39 9.97
C VAL A 359 -24.36 20.89 10.26
N ASP A 360 -25.33 21.17 11.13
CA ASP A 360 -25.73 22.55 11.46
C ASP A 360 -24.85 23.17 12.56
N THR A 361 -24.87 22.58 13.76
CA THR A 361 -24.07 23.02 14.91
C THR A 361 -22.95 22.02 15.22
N LEU A 362 -22.20 22.26 16.30
CA LEU A 362 -21.28 21.26 16.83
C LEU A 362 -22.07 20.15 17.54
N ILE A 363 -21.45 18.99 17.69
CA ILE A 363 -22.09 17.78 18.25
C ILE A 363 -22.48 17.89 19.75
N SER A 364 -21.84 18.79 20.49
CA SER A 364 -22.19 19.06 21.88
C SER A 364 -23.55 19.77 22.02
N PHE A 365 -23.94 20.50 20.97
CA PHE A 365 -25.23 21.21 20.91
C PHE A 365 -26.41 20.32 20.43
N LEU A 366 -26.11 19.27 19.65
CA LEU A 366 -27.12 18.43 18.99
C LEU A 366 -28.06 17.67 19.94
N ASP A 367 -29.35 17.63 19.59
CA ASP A 367 -30.32 16.82 20.32
C ASP A 367 -30.05 15.34 20.04
N VAL A 368 -30.55 14.48 20.93
CA VAL A 368 -30.18 13.06 20.94
C VAL A 368 -30.40 12.35 19.60
N GLU A 369 -31.47 12.70 18.89
CA GLU A 369 -31.79 12.02 17.63
C GLU A 369 -30.77 12.26 16.51
N LYS A 370 -30.34 13.50 16.32
CA LYS A 370 -29.38 13.83 15.26
C LYS A 370 -27.94 13.40 15.62
N LEU A 371 -27.65 13.39 16.91
CA LEU A 371 -26.39 12.85 17.43
C LEU A 371 -26.27 11.38 17.10
N ILE A 372 -27.38 10.65 17.23
CA ILE A 372 -27.38 9.21 16.98
C ILE A 372 -27.19 8.91 15.51
N GLU A 373 -27.89 9.63 14.65
CA GLU A 373 -27.76 9.35 13.21
C GLU A 373 -26.34 9.70 12.75
N TYR A 374 -25.83 10.82 13.22
CA TYR A 374 -24.53 11.35 12.78
C TYR A 374 -23.38 10.47 13.27
N ASN A 375 -23.51 10.00 14.51
CA ASN A 375 -22.50 9.19 15.15
C ASN A 375 -22.45 7.82 14.48
N PHE A 376 -23.63 7.25 14.26
CA PHE A 376 -23.71 5.93 13.66
C PHE A 376 -23.25 5.96 12.23
N ARG A 377 -23.60 7.00 11.51
CA ARG A 377 -23.18 7.13 10.13
C ARG A 377 -21.67 7.05 10.00
N ASP A 378 -20.93 7.73 10.88
CA ASP A 378 -19.46 7.66 10.89
C ASP A 378 -18.96 6.21 11.06
N ALA A 379 -19.54 5.50 12.01
CA ALA A 379 -19.14 4.13 12.26
C ALA A 379 -19.58 3.21 11.12
N GLU A 380 -20.73 3.50 10.52
CA GLU A 380 -21.30 2.66 9.46
C GLU A 380 -20.43 2.78 8.24
N ILE A 381 -19.96 3.99 7.97
CA ILE A 381 -19.11 4.26 6.84
C ILE A 381 -17.75 3.63 7.04
N THR A 382 -17.31 3.56 8.29
CA THR A 382 -16.02 2.98 8.60
C THR A 382 -16.03 1.48 8.31
N LEU A 383 -17.11 0.80 8.71
CA LEU A 383 -17.32 -0.61 8.40
C LEU A 383 -17.43 -0.86 6.91
N GLN A 384 -18.17 -0.01 6.24
CA GLN A 384 -18.41 -0.13 4.81
C GLN A 384 -17.16 0.05 3.95
N LEU A 385 -16.16 0.79 4.45
CA LEU A 385 -14.87 0.88 3.74
C LEU A 385 -14.15 -0.47 3.69
N THR A 386 -14.76 -1.46 4.30
CA THR A 386 -14.15 -2.74 4.55
C THR A 386 -15.05 -3.84 3.95
N THR A 387 -16.17 -3.38 3.40
CA THR A 387 -17.28 -4.21 3.00
C THR A 387 -17.59 -4.08 1.51
N PHE A 388 -17.31 -2.92 0.93
CA PHE A 388 -17.70 -2.63 -0.44
C PHE A 388 -16.92 -3.51 -1.42
N ASN A 389 -17.57 -3.94 -2.50
CA ASN A 389 -17.02 -4.83 -3.52
C ASN A 389 -16.62 -6.19 -2.94
N ASN A 390 -17.57 -6.81 -2.23
CA ASN A 390 -17.41 -8.12 -1.64
C ASN A 390 -16.18 -8.23 -0.72
N ASP A 391 -16.05 -7.26 0.19
CA ASP A 391 -14.98 -7.21 1.20
C ASP A 391 -13.60 -6.96 0.55
N LEU A 392 -13.58 -6.24 -0.56
CA LEU A 392 -12.33 -5.97 -1.26
C LEU A 392 -11.19 -5.60 -0.32
N THR A 393 -11.39 -4.63 0.57
CA THR A 393 -10.24 -4.16 1.34
C THR A 393 -9.78 -5.11 2.46
N MET A 394 -10.68 -5.92 3.01
CA MET A 394 -10.24 -7.00 3.89
C MET A 394 -9.34 -7.96 3.11
N LYS A 395 -9.75 -8.29 1.89
CA LYS A 395 -8.98 -9.19 1.04
C LYS A 395 -7.62 -8.56 0.62
N LEU A 396 -7.63 -7.29 0.26
CA LEU A 396 -6.38 -6.59 -0.05
C LEU A 396 -5.42 -6.67 1.13
N ILE A 397 -5.93 -6.43 2.34
CA ILE A 397 -5.08 -6.39 3.54
C ILE A 397 -4.47 -7.76 3.74
N VAL A 398 -5.27 -8.80 3.65
CA VAL A 398 -4.78 -10.18 3.84
C VAL A 398 -3.74 -10.56 2.78
N LEU A 399 -3.99 -10.21 1.53
CA LEU A 399 -3.04 -10.52 0.48
C LEU A 399 -1.77 -9.71 0.61
N PHE A 400 -1.89 -8.47 1.07
CA PHE A 400 -0.74 -7.61 1.31
C PHE A 400 0.12 -8.21 2.41
N SER A 401 -0.50 -8.76 3.44
CA SER A 401 0.22 -9.47 4.51
C SER A 401 0.93 -10.69 3.99
N ARG A 402 0.28 -11.41 3.12
CA ARG A 402 0.86 -12.61 2.57
C ARG A 402 2.07 -12.31 1.71
N ILE A 403 1.98 -11.26 0.88
CA ILE A 403 3.05 -10.93 -0.07
C ILE A 403 4.22 -10.32 0.69
N SER A 404 3.96 -9.40 1.63
CA SER A 404 5.01 -8.75 2.42
C SER A 404 5.50 -9.54 3.61
N ARG A 405 4.76 -10.59 3.92
CA ARG A 405 4.93 -11.35 5.18
C ARG A 405 4.88 -10.49 6.43
N LEU A 406 4.30 -9.30 6.35
CA LEU A 406 4.07 -8.47 7.52
C LEU A 406 2.70 -8.83 8.09
N GLY A 407 2.59 -8.79 9.42
CA GLY A 407 1.31 -9.05 10.07
C GLY A 407 0.37 -7.89 9.84
N ILE A 408 -0.94 -8.14 9.94
CA ILE A 408 -1.99 -7.16 9.62
C ILE A 408 -1.85 -5.82 10.32
N GLU A 409 -1.60 -5.78 11.62
CA GLU A 409 -1.54 -4.49 12.34
C GLU A 409 -0.31 -3.64 11.98
N GLU A 410 0.82 -4.29 11.73
CA GLU A 410 1.98 -3.53 11.35
C GLU A 410 1.80 -3.05 9.91
N LEU A 411 1.20 -3.87 9.07
CA LEU A 411 1.05 -3.54 7.64
C LEU A 411 0.13 -2.34 7.38
N THR A 412 -1.01 -2.29 8.09
CA THR A 412 -1.95 -1.20 7.95
C THR A 412 -1.46 0.08 8.62
N ARG A 413 -0.35 0.04 9.33
CA ARG A 413 0.24 1.24 9.94
C ARG A 413 1.59 1.64 9.33
N THR A 414 1.99 1.01 8.23
CA THR A 414 3.30 1.28 7.64
C THR A 414 3.25 1.64 6.18
N GLU A 415 4.27 2.34 5.70
CA GLU A 415 4.33 2.69 4.27
C GLU A 415 4.65 1.44 3.51
N ILE A 416 4.35 1.42 2.20
CA ILE A 416 4.73 0.28 1.35
C ILE A 416 6.22 -0.02 1.30
N SER A 417 7.07 0.94 1.64
CA SER A 417 8.51 0.67 1.58
C SER A 417 8.86 -0.26 2.73
N THR A 418 8.15 -0.16 3.85
CA THR A 418 8.30 -1.14 4.89
C THR A 418 7.80 -2.52 4.40
N TRP A 419 6.72 -2.56 3.62
CA TRP A 419 6.17 -3.84 3.13
C TRP A 419 7.11 -4.58 2.20
N VAL A 420 7.80 -3.82 1.36
CA VAL A 420 8.71 -4.36 0.36
C VAL A 420 9.99 -4.78 1.06
N LYS A 421 10.51 -3.93 1.93
CA LYS A 421 11.66 -4.30 2.76
C LYS A 421 11.42 -5.63 3.45
N ASN A 422 10.20 -5.85 3.97
CA ASN A 422 9.93 -7.03 4.78
C ASN A 422 9.87 -8.31 3.96
N LEU A 423 9.28 -8.23 2.77
CA LEU A 423 9.37 -9.29 1.79
C LEU A 423 10.84 -9.66 1.50
N TYR A 424 11.66 -8.66 1.32
CA TYR A 424 13.01 -8.92 0.82
C TYR A 424 13.89 -9.44 1.94
N TYR A 425 13.67 -8.99 3.16
CA TYR A 425 14.40 -9.54 4.29
C TYR A 425 14.04 -11.00 4.49
N TRP A 426 12.74 -11.28 4.42
CA TRP A 426 12.20 -12.62 4.59
C TRP A 426 12.81 -13.60 3.61
N GLU A 427 12.85 -13.23 2.33
CA GLU A 427 13.41 -14.06 1.30
C GLU A 427 14.95 -14.17 1.42
N HIS A 428 15.62 -13.12 1.84
CA HIS A 428 17.04 -13.26 2.09
C HIS A 428 17.24 -14.34 3.13
N ARG A 429 16.47 -14.23 4.21
CA ARG A 429 16.67 -15.07 5.37
C ARG A 429 16.34 -16.51 5.03
N LYS A 430 15.30 -16.73 4.22
CA LYS A 430 14.97 -18.07 3.75
C LYS A 430 16.13 -18.69 2.95
N ARG A 431 16.85 -17.86 2.21
CA ARG A 431 18.01 -18.24 1.40
C ARG A 431 19.31 -18.29 2.18
N ASN A 432 19.27 -17.81 3.43
CA ASN A 432 20.41 -17.73 4.34
C ASN A 432 21.36 -16.63 3.94
N TRP A 433 20.90 -15.69 3.12
CA TRP A 433 21.67 -14.52 2.73
C TRP A 433 21.75 -13.50 3.83
N LEU A 434 22.93 -12.94 4.05
CA LEU A 434 23.12 -11.82 4.94
C LEU A 434 22.38 -10.64 4.35
N ILE A 435 21.61 -9.95 5.17
CA ILE A 435 20.96 -8.70 4.80
C ILE A 435 22.03 -7.64 4.97
N PRO A 436 22.33 -6.91 3.92
CA PRO A 436 23.49 -6.00 3.93
C PRO A 436 23.16 -4.72 4.67
N LEU A 437 24.19 -4.05 5.19
CA LEU A 437 24.04 -2.73 5.75
C LEU A 437 23.80 -1.74 4.61
N LYS A 438 23.05 -0.68 4.89
CA LYS A 438 22.86 0.40 3.94
C LYS A 438 24.20 1.05 3.56
N GLU A 439 25.06 1.29 4.55
CA GLU A 439 26.40 1.84 4.32
C GLU A 439 27.18 1.02 3.32
N GLU A 440 27.22 -0.28 3.53
CA GLU A 440 27.98 -1.19 2.70
C GLU A 440 27.53 -1.22 1.24
N ILE A 441 26.24 -1.02 0.97
CA ILE A 441 25.73 -1.03 -0.40
C ILE A 441 26.30 0.16 -1.19
N LEU A 442 26.43 1.31 -0.52
CA LEU A 442 27.07 2.49 -1.11
C LEU A 442 28.54 2.23 -1.43
N ALA A 443 29.28 1.75 -0.44
CA ALA A 443 30.72 1.51 -0.57
C ALA A 443 31.05 0.34 -1.50
N LYS A 444 30.19 -0.68 -1.53
CA LYS A 444 30.35 -1.83 -2.44
C LYS A 444 29.82 -1.50 -3.84
N SER A 445 29.20 -0.33 -3.97
CA SER A 445 28.86 0.25 -5.27
C SER A 445 30.07 1.01 -5.86
N SER A 446 30.90 1.59 -4.98
CA SER A 446 32.10 2.37 -5.37
C SER A 446 32.96 1.66 -6.43
N ASN A 447 33.33 2.39 -7.48
CA ASN A 447 34.13 1.85 -8.59
C ASN A 447 33.38 0.79 -9.39
N ALA A 462 17.99 16.32 -21.89
CA ALA A 462 17.79 15.26 -20.92
C ALA A 462 16.39 15.34 -20.29
N VAL A 463 15.37 15.14 -21.13
CA VAL A 463 13.95 15.18 -20.70
C VAL A 463 13.08 14.19 -21.51
N VAL A 464 11.76 14.23 -21.33
CA VAL A 464 10.82 13.52 -22.20
C VAL A 464 10.38 14.43 -23.35
N ILE A 465 9.94 13.86 -24.47
CA ILE A 465 9.68 14.65 -25.70
C ILE A 465 8.34 15.41 -25.69
N ASP A 466 8.40 16.69 -26.06
CA ASP A 466 7.28 17.63 -25.87
C ASP A 466 6.21 17.57 -26.96
N PRO A 467 4.98 17.97 -26.63
CA PRO A 467 3.88 18.02 -27.61
C PRO A 467 3.72 19.38 -28.30
N PRO A 468 3.71 19.41 -29.63
CA PRO A 468 3.27 20.61 -30.36
C PRO A 468 1.82 20.98 -30.02
N ALA A 469 1.55 22.26 -29.81
CA ALA A 469 0.23 22.72 -29.35
C ALA A 469 -0.78 22.86 -30.48
N GLY A 470 -2.04 22.56 -30.19
CA GLY A 470 -3.11 22.73 -31.15
C GLY A 470 -4.19 21.65 -31.09
N ILE A 471 -4.56 21.13 -32.25
CA ILE A 471 -5.65 20.16 -32.37
C ILE A 471 -5.23 19.06 -33.35
N PHE A 472 -5.25 17.81 -32.89
CA PHE A 472 -4.87 16.67 -33.72
C PHE A 472 -5.88 15.55 -33.55
N PHE A 473 -6.11 14.80 -34.62
CA PHE A 473 -7.33 13.99 -34.73
C PHE A 473 -7.08 12.48 -34.87
N ASN A 474 -8.04 11.71 -34.36
CA ASN A 474 -7.97 10.26 -34.20
C ASN A 474 -6.58 9.76 -33.76
N ILE A 475 -6.29 9.87 -32.47
CA ILE A 475 -4.98 9.45 -31.92
C ILE A 475 -5.08 8.13 -31.14
N THR A 476 -4.14 7.22 -31.40
CA THR A 476 -4.01 5.97 -30.64
C THR A 476 -2.75 6.02 -29.81
N VAL A 477 -2.86 5.71 -28.52
CA VAL A 477 -1.72 5.76 -27.60
C VAL A 477 -1.09 4.37 -27.43
N LEU A 478 0.22 4.36 -27.21
CA LEU A 478 0.97 3.13 -27.03
C LEU A 478 1.70 3.17 -25.70
N ASP A 479 1.32 2.26 -24.79
CA ASP A 479 1.95 2.19 -23.47
C ASP A 479 2.81 0.94 -23.34
N PHE A 480 3.90 1.06 -22.60
CA PHE A 480 4.58 -0.11 -22.03
C PHE A 480 3.79 -0.48 -20.78
N ALA A 481 3.38 -1.75 -20.72
CA ALA A 481 2.45 -2.23 -19.69
C ALA A 481 2.89 -1.91 -18.25
N SER A 482 4.13 -2.23 -17.90
CA SER A 482 4.69 -1.82 -16.60
C SER A 482 6.19 -1.68 -16.77
N LEU A 483 6.60 -0.50 -17.20
CA LEU A 483 7.90 -0.30 -17.85
C LEU A 483 9.08 -0.56 -16.92
N TYR A 484 9.21 0.25 -15.86
CA TYR A 484 10.32 0.11 -14.91
C TYR A 484 10.43 -1.28 -14.25
N PRO A 485 9.34 -1.83 -13.72
CA PRO A 485 9.37 -3.21 -13.24
C PRO A 485 9.88 -4.21 -14.27
N SER A 486 9.47 -4.02 -15.52
CA SER A 486 9.82 -4.92 -16.63
C SER A 486 11.30 -4.86 -16.99
N ILE A 487 11.92 -3.71 -16.81
CA ILE A 487 13.34 -3.58 -17.12
C ILE A 487 14.20 -4.02 -15.94
N ILE A 488 13.68 -3.89 -14.73
CA ILE A 488 14.36 -4.45 -13.55
C ILE A 488 14.60 -5.94 -13.80
N ARG A 489 13.56 -6.67 -14.16
CA ARG A 489 13.70 -8.10 -14.43
C ARG A 489 14.46 -8.45 -15.71
N THR A 490 14.22 -7.68 -16.77
CA THR A 490 14.83 -7.97 -18.06
C THR A 490 16.34 -7.76 -18.03
N TRP A 491 16.82 -6.78 -17.28
CA TRP A 491 18.26 -6.47 -17.23
C TRP A 491 18.95 -6.89 -15.92
N ASN A 492 18.27 -7.73 -15.13
CA ASN A 492 18.88 -8.32 -13.96
C ASN A 492 19.41 -7.30 -12.97
N LEU A 493 18.60 -6.29 -12.68
CA LEU A 493 19.07 -5.19 -11.83
C LEU A 493 18.70 -5.48 -10.40
N SER A 494 19.69 -5.38 -9.52
CA SER A 494 19.51 -5.61 -8.11
C SER A 494 20.74 -5.07 -7.43
N TYR A 495 20.67 -4.80 -6.13
CA TYR A 495 21.76 -4.15 -5.42
C TYR A 495 23.05 -4.96 -5.48
N GLU A 496 22.92 -6.26 -5.72
CA GLU A 496 24.06 -7.17 -5.69
C GLU A 496 24.57 -7.55 -7.10
N THR A 497 23.92 -7.04 -8.14
CA THR A 497 24.36 -7.27 -9.52
C THR A 497 24.83 -6.02 -10.27
N VAL A 498 24.96 -4.88 -9.61
CA VAL A 498 25.34 -3.64 -10.30
C VAL A 498 26.61 -3.03 -9.73
N ASP A 499 27.63 -2.91 -10.59
CA ASP A 499 28.93 -2.28 -10.28
C ASP A 499 29.72 -3.05 -9.24
N ILE A 500 29.74 -4.36 -9.39
CA ILE A 500 30.45 -5.25 -8.47
C ILE A 500 31.82 -5.61 -9.03
N GLN A 501 32.74 -6.03 -8.15
CA GLN A 501 34.14 -6.19 -8.56
C GLN A 501 34.38 -7.40 -9.46
N GLN A 502 34.04 -8.61 -9.02
CA GLN A 502 34.38 -9.82 -9.78
C GLN A 502 33.21 -10.22 -10.69
N CYS A 503 33.42 -10.14 -12.00
CA CYS A 503 32.33 -10.36 -12.96
C CYS A 503 32.77 -10.99 -14.28
N LYS A 504 32.41 -12.25 -14.48
CA LYS A 504 32.73 -12.99 -15.71
C LYS A 504 31.91 -12.53 -16.93
N LYS A 505 30.62 -12.29 -16.75
CA LYS A 505 29.73 -11.94 -17.86
C LYS A 505 29.13 -10.54 -17.74
N PRO A 506 29.94 -9.49 -17.84
CA PRO A 506 29.42 -8.11 -17.70
C PRO A 506 28.45 -7.70 -18.80
N TYR A 507 27.65 -6.68 -18.51
CA TYR A 507 26.69 -6.11 -19.46
C TYR A 507 26.67 -4.60 -19.27
N GLU A 508 26.88 -3.87 -20.36
CA GLU A 508 27.02 -2.41 -20.28
C GLU A 508 25.65 -1.76 -20.26
N VAL A 509 25.52 -0.68 -19.51
CA VAL A 509 24.27 0.06 -19.41
C VAL A 509 24.57 1.51 -19.73
N LYS A 510 24.46 1.85 -21.00
CA LYS A 510 24.71 3.20 -21.46
C LYS A 510 23.39 3.93 -21.60
N ASP A 511 23.45 5.25 -21.78
CA ASP A 511 22.26 6.03 -22.09
C ASP A 511 22.35 6.65 -23.49
N GLU A 512 22.95 7.85 -23.61
CA GLU A 512 22.91 8.62 -24.85
C GLU A 512 24.24 8.59 -25.57
N THR A 513 25.29 9.10 -24.94
CA THR A 513 26.63 9.15 -25.55
C THR A 513 27.35 7.79 -25.46
N GLY A 514 26.60 6.68 -25.46
CA GLY A 514 27.17 5.35 -25.26
C GLY A 514 28.17 5.37 -24.12
N GLU A 515 27.78 6.07 -23.04
CA GLU A 515 28.72 6.49 -22.01
C GLU A 515 29.16 5.36 -21.07
N VAL A 516 28.34 4.32 -20.96
CA VAL A 516 28.56 3.22 -20.03
C VAL A 516 28.54 3.78 -18.60
N LEU A 517 27.33 4.12 -18.15
CA LEU A 517 27.11 4.64 -16.80
C LEU A 517 27.36 3.59 -15.72
N HIS A 518 26.91 2.35 -15.96
CA HIS A 518 27.09 1.24 -15.01
C HIS A 518 27.23 -0.12 -15.71
N ILE A 519 27.85 -1.06 -15.00
CA ILE A 519 27.95 -2.46 -15.43
C ILE A 519 26.98 -3.32 -14.61
N VAL A 520 26.46 -4.39 -15.22
CA VAL A 520 25.51 -5.28 -14.57
C VAL A 520 25.95 -6.73 -14.77
N CYS A 521 26.20 -7.45 -13.67
CA CYS A 521 26.60 -8.85 -13.74
C CYS A 521 25.43 -9.78 -14.06
N MET A 522 25.64 -10.64 -15.05
CA MET A 522 24.64 -11.60 -15.46
C MET A 522 25.01 -12.99 -14.97
N ASP A 523 26.15 -13.10 -14.30
CA ASP A 523 26.58 -14.35 -13.69
C ASP A 523 25.51 -14.98 -12.84
N ARG A 524 24.82 -14.16 -12.07
CA ARG A 524 23.79 -14.67 -11.17
C ARG A 524 22.54 -13.84 -11.26
N PRO A 525 21.40 -14.48 -11.03
CA PRO A 525 20.13 -13.75 -10.91
C PRO A 525 20.15 -12.76 -9.73
N GLY A 526 19.73 -11.53 -9.96
CA GLY A 526 19.61 -10.54 -8.91
C GLY A 526 18.26 -10.72 -8.25
N ILE A 527 18.25 -10.66 -6.93
CA ILE A 527 17.06 -10.95 -6.13
C ILE A 527 15.90 -10.02 -6.47
N THR A 528 16.21 -8.74 -6.69
CA THR A 528 15.20 -7.77 -7.06
C THR A 528 14.57 -8.11 -8.42
N ALA A 529 15.42 -8.52 -9.36
CA ALA A 529 14.97 -8.88 -10.70
C ALA A 529 14.06 -10.12 -10.67
N VAL A 530 14.46 -11.08 -9.86
CA VAL A 530 13.70 -12.32 -9.69
C VAL A 530 12.31 -12.03 -9.10
N ILE A 531 12.26 -11.21 -8.06
CA ILE A 531 11.01 -10.98 -7.34
C ILE A 531 10.06 -10.10 -8.13
N THR A 532 10.53 -8.98 -8.66
CA THR A 532 9.64 -8.14 -9.45
C THR A 532 9.17 -8.87 -10.69
N GLY A 533 10.05 -9.61 -11.35
CA GLY A 533 9.67 -10.41 -12.52
C GLY A 533 8.63 -11.47 -12.22
N LEU A 534 8.82 -12.15 -11.09
CA LEU A 534 7.89 -13.18 -10.63
C LEU A 534 6.53 -12.62 -10.25
N LEU A 535 6.49 -11.45 -9.63
CA LEU A 535 5.23 -10.82 -9.26
C LEU A 535 4.48 -10.41 -10.54
N ARG A 536 5.22 -9.75 -11.43
CA ARG A 536 4.69 -9.26 -12.69
C ARG A 536 4.10 -10.38 -13.50
N ASP A 537 4.88 -11.43 -13.72
CA ASP A 537 4.44 -12.56 -14.51
C ASP A 537 3.31 -13.36 -13.86
N PHE A 538 3.28 -13.41 -12.52
CA PHE A 538 2.14 -14.01 -11.87
C PHE A 538 0.90 -13.21 -12.29
N ARG A 539 1.02 -11.90 -12.29
CA ARG A 539 -0.09 -11.05 -12.68
C ARG A 539 -0.48 -11.18 -14.16
N VAL A 540 0.40 -10.79 -15.09
CA VAL A 540 -0.01 -10.75 -16.50
C VAL A 540 -0.21 -12.15 -17.12
N LYS A 541 0.69 -13.09 -16.87
CA LYS A 541 0.54 -14.42 -17.49
C LYS A 541 -0.58 -15.28 -16.89
N ILE A 542 -0.93 -15.07 -15.62
CA ILE A 542 -1.88 -16.00 -15.02
C ILE A 542 -3.10 -15.40 -14.32
N TYR A 543 -2.93 -14.38 -13.48
CA TYR A 543 -3.99 -13.97 -12.56
C TYR A 543 -4.95 -12.92 -13.13
N LYS A 544 -4.45 -11.98 -13.92
CA LYS A 544 -5.31 -11.11 -14.71
C LYS A 544 -6.29 -11.95 -15.54
N LYS A 545 -5.73 -12.90 -16.29
CA LYS A 545 -6.52 -13.82 -17.12
C LYS A 545 -7.54 -14.60 -16.30
N LYS A 546 -7.05 -15.31 -15.29
CA LYS A 546 -7.88 -16.18 -14.47
C LYS A 546 -9.08 -15.47 -13.86
N ALA A 547 -8.88 -14.20 -13.48
CA ALA A 547 -9.89 -13.42 -12.77
C ALA A 547 -11.08 -13.06 -13.67
N LYS A 548 -10.80 -12.75 -14.92
CA LYS A 548 -11.85 -12.48 -15.91
C LYS A 548 -11.90 -13.63 -16.91
N ASN A 549 -12.14 -14.83 -16.40
CA ASN A 549 -12.26 -16.06 -17.20
C ASN A 549 -13.59 -16.77 -16.87
N PRO A 550 -14.51 -16.87 -17.83
CA PRO A 550 -15.89 -17.30 -17.53
C PRO A 550 -16.05 -18.72 -16.95
N ASN A 551 -15.08 -19.60 -17.15
CA ASN A 551 -15.18 -20.97 -16.63
C ASN A 551 -14.99 -21.11 -15.10
N ASN A 552 -14.50 -20.05 -14.45
CA ASN A 552 -14.28 -20.03 -13.00
C ASN A 552 -15.56 -19.68 -12.23
N SER A 553 -15.73 -20.31 -11.06
CA SER A 553 -16.86 -20.01 -10.17
C SER A 553 -16.73 -18.60 -9.65
N GLU A 554 -17.84 -17.99 -9.26
CA GLU A 554 -17.81 -16.59 -8.83
C GLU A 554 -17.00 -16.37 -7.55
N GLU A 555 -16.91 -17.39 -6.69
CA GLU A 555 -16.11 -17.27 -5.47
C GLU A 555 -14.63 -17.06 -5.82
N GLN A 556 -14.10 -17.91 -6.70
CA GLN A 556 -12.69 -17.86 -7.06
C GLN A 556 -12.38 -16.79 -8.11
N LYS A 557 -13.41 -16.26 -8.74
CA LYS A 557 -13.28 -15.14 -9.67
C LYS A 557 -12.90 -13.86 -8.89
N LEU A 558 -13.55 -13.69 -7.74
CA LEU A 558 -13.28 -12.58 -6.84
C LEU A 558 -11.91 -12.71 -6.18
N LEU A 559 -11.52 -13.93 -5.81
CA LEU A 559 -10.20 -14.14 -5.21
C LEU A 559 -9.09 -13.71 -6.17
N TYR A 560 -9.15 -14.23 -7.38
CA TYR A 560 -8.16 -13.96 -8.41
C TYR A 560 -8.13 -12.49 -8.81
N ASP A 561 -9.27 -11.80 -8.70
CA ASP A 561 -9.32 -10.36 -9.00
C ASP A 561 -8.53 -9.54 -7.98
N VAL A 562 -8.78 -9.83 -6.70
CA VAL A 562 -8.04 -9.21 -5.62
C VAL A 562 -6.57 -9.60 -5.73
N VAL A 563 -6.29 -10.83 -6.14
CA VAL A 563 -4.92 -11.28 -6.22
C VAL A 563 -4.16 -10.37 -7.16
N GLN A 564 -4.73 -10.13 -8.33
CA GLN A 564 -4.03 -9.33 -9.34
C GLN A 564 -4.00 -7.84 -8.99
N ARG A 565 -5.05 -7.33 -8.35
CA ARG A 565 -5.01 -5.96 -7.81
C ARG A 565 -3.84 -5.78 -6.86
N ALA A 566 -3.64 -6.78 -6.00
CA ALA A 566 -2.63 -6.66 -4.94
C ALA A 566 -1.25 -6.81 -5.52
N MET A 567 -1.10 -7.69 -6.49
CA MET A 567 0.16 -7.83 -7.19
C MET A 567 0.53 -6.46 -7.78
N LYS A 568 -0.44 -5.86 -8.46
CA LYS A 568 -0.25 -4.56 -9.09
C LYS A 568 0.31 -3.53 -8.13
N VAL A 569 -0.17 -3.52 -6.89
CA VAL A 569 0.27 -2.52 -5.94
C VAL A 569 1.78 -2.63 -5.74
N PHE A 570 2.27 -3.86 -5.58
CA PHE A 570 3.70 -4.09 -5.31
C PHE A 570 4.56 -3.85 -6.55
N ILE A 571 4.06 -4.26 -7.71
CA ILE A 571 4.74 -4.04 -8.98
C ILE A 571 4.95 -2.56 -9.24
N ASN A 572 3.87 -1.79 -9.24
CA ASN A 572 3.94 -0.36 -9.53
C ASN A 572 4.61 0.46 -8.45
N ALA A 573 4.69 -0.07 -7.24
CA ALA A 573 5.35 0.64 -6.15
C ALA A 573 6.83 0.33 -6.11
N THR A 574 7.26 -0.71 -6.81
CA THR A 574 8.60 -1.23 -6.63
C THR A 574 9.70 -0.21 -6.93
N TYR A 575 9.62 0.46 -8.08
CA TYR A 575 10.67 1.40 -8.44
C TYR A 575 10.80 2.52 -7.42
N GLY A 576 9.65 3.09 -7.03
CA GLY A 576 9.60 4.16 -6.04
C GLY A 576 10.28 3.84 -4.71
N VAL A 577 10.10 2.62 -4.18
CA VAL A 577 10.73 2.28 -2.91
C VAL A 577 12.22 2.01 -3.10
N PHE A 578 12.58 1.33 -4.17
CA PHE A 578 13.99 1.04 -4.42
C PHE A 578 14.76 2.30 -4.83
N GLY A 579 14.04 3.30 -5.35
CA GLY A 579 14.62 4.57 -5.75
C GLY A 579 14.74 5.62 -4.65
N ALA A 580 14.08 5.40 -3.51
CA ALA A 580 14.21 6.32 -2.40
C ALA A 580 15.49 6.02 -1.66
N GLU A 581 16.23 7.07 -1.29
CA GLU A 581 17.54 6.93 -0.66
C GLU A 581 17.47 6.52 0.82
N THR A 582 16.31 6.67 1.43
CA THR A 582 16.08 6.16 2.78
C THR A 582 15.98 4.63 2.84
N PHE A 583 15.61 3.99 1.74
CA PHE A 583 15.41 2.54 1.72
C PHE A 583 16.70 1.78 2.08
N PRO A 584 16.61 0.82 2.99
CA PRO A 584 17.77 0.02 3.40
C PRO A 584 18.48 -0.76 2.30
N LEU A 585 17.81 -1.08 1.20
CA LEU A 585 18.46 -1.77 0.08
C LEU A 585 18.71 -0.83 -1.12
N TYR A 586 18.72 0.48 -0.88
CA TYR A 586 18.89 1.45 -1.95
C TYR A 586 20.32 1.39 -2.46
N ALA A 587 20.44 1.16 -3.75
CA ALA A 587 21.71 1.23 -4.46
C ALA A 587 21.54 2.31 -5.53
N PRO A 588 22.26 3.41 -5.42
CA PRO A 588 22.13 4.50 -6.40
C PRO A 588 22.25 4.01 -7.84
N ARG A 589 23.15 3.07 -8.07
CA ARG A 589 23.39 2.54 -9.41
C ARG A 589 22.25 1.67 -9.98
N VAL A 590 21.44 1.07 -9.10
CA VAL A 590 20.24 0.34 -9.54
C VAL A 590 19.19 1.33 -10.05
N ALA A 591 18.93 2.37 -9.28
CA ALA A 591 17.92 3.39 -9.62
C ALA A 591 18.30 4.16 -10.89
N GLU A 592 19.57 4.52 -10.99
CA GLU A 592 20.12 5.24 -12.12
C GLU A 592 20.16 4.37 -13.37
N SER A 593 20.46 3.08 -13.21
CA SER A 593 20.44 2.16 -14.33
C SER A 593 19.03 1.97 -14.86
N VAL A 594 18.04 2.09 -13.99
CA VAL A 594 16.64 1.86 -14.39
C VAL A 594 16.14 3.00 -15.28
N THR A 595 16.38 4.23 -14.85
CA THR A 595 15.96 5.42 -15.61
C THR A 595 16.73 5.52 -16.91
N ALA A 596 18.02 5.17 -16.87
CA ALA A 596 18.88 5.13 -18.05
C ALA A 596 18.30 4.23 -19.13
N LEU A 597 18.09 2.96 -18.79
CA LEU A 597 17.50 2.01 -19.73
C LEU A 597 16.07 2.38 -20.12
N GLY A 598 15.42 3.19 -19.30
CA GLY A 598 14.09 3.69 -19.61
C GLY A 598 14.15 4.68 -20.75
N ARG A 599 15.09 5.62 -20.66
CA ARG A 599 15.36 6.57 -21.71
C ARG A 599 15.77 5.82 -22.98
N TYR A 600 16.70 4.89 -22.84
CA TYR A 600 17.19 4.11 -23.97
C TYR A 600 16.07 3.39 -24.73
N VAL A 601 15.06 2.91 -24.02
CA VAL A 601 13.98 2.12 -24.64
C VAL A 601 12.97 3.01 -25.33
N ILE A 602 12.67 4.14 -24.72
CA ILE A 602 11.67 5.06 -25.28
C ILE A 602 12.27 5.87 -26.44
N THR A 603 13.51 6.34 -26.29
CA THR A 603 14.28 6.99 -27.35
C THR A 603 14.37 6.11 -28.59
N SER A 604 14.74 4.86 -28.36
CA SER A 604 14.93 3.89 -29.44
C SER A 604 13.61 3.57 -30.13
N THR A 605 12.53 3.54 -29.36
CA THR A 605 11.20 3.24 -29.88
C THR A 605 10.63 4.44 -30.62
N VAL A 606 11.17 5.61 -30.34
CA VAL A 606 10.78 6.85 -31.00
C VAL A 606 11.35 6.85 -32.42
N LYS A 607 12.62 6.45 -32.57
CA LYS A 607 13.26 6.37 -33.89
C LYS A 607 12.53 5.42 -34.84
N LYS A 608 12.07 4.28 -34.32
CA LYS A 608 11.38 3.28 -35.16
C LYS A 608 10.01 3.76 -35.62
N ALA A 609 9.38 4.63 -34.83
CA ALA A 609 8.10 5.23 -35.22
C ALA A 609 8.31 6.28 -36.33
N ARG A 610 9.44 6.98 -36.28
CA ARG A 610 9.78 7.98 -37.28
C ARG A 610 10.21 7.32 -38.60
N GLU A 611 10.54 6.03 -38.53
CA GLU A 611 10.94 5.24 -39.70
C GLU A 611 9.91 4.14 -40.01
N GLU A 612 8.63 4.45 -39.79
CA GLU A 612 7.53 3.57 -40.17
C GLU A 612 6.33 4.35 -40.73
N GLY A 613 6.50 5.67 -40.87
CA GLY A 613 5.42 6.55 -41.30
C GLY A 613 4.60 7.12 -40.17
N LEU A 614 4.98 6.79 -38.92
CA LEU A 614 4.27 7.25 -37.74
C LEU A 614 4.73 8.65 -37.32
N THR A 615 3.76 9.47 -36.92
CA THR A 615 4.02 10.82 -36.43
C THR A 615 3.85 10.84 -34.90
N VAL A 616 4.91 11.24 -34.21
CA VAL A 616 4.98 11.15 -32.75
C VAL A 616 4.76 12.53 -32.13
N LEU A 617 3.53 12.79 -31.71
CA LEU A 617 3.20 14.08 -31.09
C LEU A 617 3.76 14.21 -29.68
N TYR A 618 3.31 13.36 -28.77
CA TYR A 618 3.65 13.45 -27.35
C TYR A 618 4.34 12.18 -26.82
N GLY A 619 5.19 12.34 -25.81
CA GLY A 619 5.89 11.22 -25.23
C GLY A 619 6.46 11.51 -23.85
N ASP A 620 5.96 10.77 -22.85
CA ASP A 620 6.49 10.83 -21.48
C ASP A 620 7.27 9.52 -21.23
N THR A 621 7.44 9.13 -19.97
CA THR A 621 8.36 8.04 -19.62
C THR A 621 8.00 6.66 -20.21
N ASP A 622 6.72 6.34 -20.33
CA ASP A 622 6.30 5.02 -20.85
C ASP A 622 5.14 5.07 -21.86
N SER A 623 4.98 6.20 -22.53
CA SER A 623 3.84 6.39 -23.43
C SER A 623 4.22 7.15 -24.71
N LEU A 624 3.50 6.87 -25.78
CA LEU A 624 3.73 7.50 -27.08
C LEU A 624 2.40 7.78 -27.78
N PHE A 625 2.04 9.06 -27.86
CA PHE A 625 0.82 9.51 -28.54
C PHE A 625 1.06 9.54 -30.04
N LEU A 626 0.24 8.80 -30.79
CA LEU A 626 0.46 8.59 -32.22
C LEU A 626 -0.69 9.18 -33.05
N LEU A 627 -0.36 9.91 -34.12
CA LEU A 627 -1.36 10.50 -35.00
C LEU A 627 -1.90 9.48 -36.00
N ASN A 628 -3.23 9.30 -35.98
CA ASN A 628 -3.92 8.21 -36.65
C ASN A 628 -3.07 7.48 -37.69
N PRO A 629 -2.40 6.41 -37.25
CA PRO A 629 -1.61 5.57 -38.14
C PRO A 629 -2.38 4.32 -38.60
N PRO A 630 -1.86 3.61 -39.61
CA PRO A 630 -2.49 2.37 -40.07
C PRO A 630 -2.28 1.20 -39.08
N LYS A 631 -3.18 0.23 -39.09
CA LYS A 631 -3.10 -0.94 -38.20
C LYS A 631 -1.89 -1.83 -38.54
N ASN A 632 -1.43 -1.74 -39.79
CA ASN A 632 -0.25 -2.45 -40.25
C ASN A 632 1.04 -1.96 -39.58
N SER A 633 1.21 -0.65 -39.50
CA SER A 633 2.44 -0.05 -38.97
C SER A 633 2.54 -0.12 -37.43
N LEU A 634 1.41 -0.17 -36.74
CA LEU A 634 1.39 -0.37 -35.30
C LEU A 634 1.96 -1.75 -34.98
N GLU A 635 1.46 -2.78 -35.67
CA GLU A 635 1.88 -4.15 -35.43
C GLU A 635 3.38 -4.38 -35.69
N ASN A 636 3.98 -3.53 -36.51
CA ASN A 636 5.41 -3.65 -36.81
C ASN A 636 6.27 -3.26 -35.62
N ILE A 637 6.00 -2.11 -35.03
CA ILE A 637 6.82 -1.58 -33.93
C ILE A 637 6.59 -2.31 -32.61
N ILE A 638 5.41 -2.90 -32.44
CA ILE A 638 5.08 -3.66 -31.25
C ILE A 638 5.91 -4.93 -31.23
N LYS A 639 5.79 -5.71 -32.30
CA LYS A 639 6.56 -6.97 -32.42
C LYS A 639 8.06 -6.69 -32.56
N TRP A 640 8.42 -5.47 -32.93
CA TRP A 640 9.83 -5.06 -33.01
C TRP A 640 10.43 -4.83 -31.63
N VAL A 641 9.62 -4.35 -30.69
CA VAL A 641 10.07 -4.18 -29.31
C VAL A 641 10.34 -5.54 -28.68
N LYS A 642 9.47 -6.51 -28.98
CA LYS A 642 9.61 -7.90 -28.52
C LYS A 642 10.89 -8.59 -28.99
N THR A 643 11.39 -8.19 -30.16
CA THR A 643 12.61 -8.79 -30.72
C THR A 643 13.88 -8.02 -30.35
N THR A 644 13.74 -6.73 -30.05
CA THR A 644 14.90 -5.89 -29.74
C THR A 644 15.24 -6.04 -28.27
N PHE A 645 14.33 -5.58 -27.42
CA PHE A 645 14.38 -5.84 -25.99
C PHE A 645 13.37 -6.96 -25.81
N ASN A 646 12.90 -7.21 -24.60
CA ASN A 646 11.86 -8.24 -24.44
C ASN A 646 10.62 -7.70 -23.73
N LEU A 647 10.17 -6.52 -24.17
CA LEU A 647 9.08 -5.81 -23.51
C LEU A 647 7.78 -5.93 -24.30
N ASP A 648 6.67 -5.74 -23.60
CA ASP A 648 5.34 -5.78 -24.19
C ASP A 648 4.87 -4.35 -24.45
N LEU A 649 4.93 -3.91 -25.71
CA LEU A 649 4.28 -2.67 -26.13
C LEU A 649 2.88 -3.03 -26.63
N GLU A 650 1.90 -2.16 -26.39
CA GLU A 650 0.51 -2.48 -26.72
C GLU A 650 -0.36 -1.26 -26.95
N VAL A 651 -1.54 -1.51 -27.53
CA VAL A 651 -2.49 -0.45 -27.87
C VAL A 651 -3.27 -0.06 -26.62
N ASP A 652 -2.87 1.05 -26.01
CA ASP A 652 -3.53 1.55 -24.81
C ASP A 652 -4.91 2.13 -25.12
N LYS A 653 -4.94 3.31 -25.74
CA LYS A 653 -6.20 4.05 -25.96
C LYS A 653 -6.38 4.45 -27.42
N THR A 654 -7.55 5.02 -27.73
CA THR A 654 -7.85 5.56 -29.05
C THR A 654 -8.72 6.82 -28.91
N TYR A 655 -8.08 7.94 -28.56
CA TYR A 655 -8.78 9.22 -28.43
C TYR A 655 -9.48 9.63 -29.73
N LYS A 656 -10.67 10.22 -29.60
CA LYS A 656 -11.36 10.85 -30.73
C LYS A 656 -10.56 12.03 -31.24
N PHE A 657 -10.02 12.82 -30.31
CA PHE A 657 -9.01 13.84 -30.63
C PHE A 657 -8.35 14.35 -29.32
N VAL A 658 -7.16 14.95 -29.45
CA VAL A 658 -6.43 15.50 -28.30
C VAL A 658 -5.89 16.90 -28.63
N ALA A 659 -5.78 17.75 -27.61
CA ALA A 659 -5.27 19.12 -27.77
C ALA A 659 -4.14 19.41 -26.77
N PHE A 660 -3.11 20.12 -27.24
CA PHE A 660 -1.88 20.31 -26.48
C PHE A 660 -1.54 21.78 -26.26
N SER A 661 -0.43 22.04 -25.57
CA SER A 661 -0.01 23.40 -25.24
C SER A 661 1.48 23.44 -24.96
N ASN A 666 1.08 18.05 -19.90
CA ASN A 666 0.09 19.10 -20.12
C ASN A 666 -0.68 18.89 -21.44
N TYR A 667 -1.83 18.25 -21.36
CA TYR A 667 -2.68 18.02 -22.54
C TYR A 667 -4.19 17.93 -22.21
N PHE A 668 -5.00 17.58 -23.21
CA PHE A 668 -6.45 17.65 -23.08
C PHE A 668 -7.12 16.59 -23.97
N GLY A 669 -7.30 15.39 -23.41
CA GLY A 669 -7.86 14.28 -24.17
C GLY A 669 -9.36 14.38 -24.38
N VAL A 670 -9.84 13.70 -25.41
CA VAL A 670 -11.28 13.58 -25.69
C VAL A 670 -11.59 12.21 -26.27
N TYR A 671 -12.59 11.53 -25.71
CA TYR A 671 -13.00 10.21 -26.18
C TYR A 671 -14.23 10.37 -27.07
N GLN A 672 -14.55 9.32 -27.82
CA GLN A 672 -15.70 9.32 -28.72
C GLN A 672 -17.02 8.95 -28.02
N ASP A 673 -16.95 8.45 -26.78
CA ASP A 673 -18.16 8.20 -25.98
C ASP A 673 -18.48 9.37 -25.01
N GLY A 674 -17.53 10.28 -24.82
CA GLY A 674 -17.76 11.50 -24.06
C GLY A 674 -16.58 11.98 -23.23
N LYS A 675 -16.28 11.24 -22.16
CA LYS A 675 -15.39 11.71 -21.09
C LYS A 675 -14.01 12.16 -21.56
N VAL A 676 -13.42 13.09 -20.81
CA VAL A 676 -12.14 13.70 -21.15
C VAL A 676 -11.07 13.43 -20.07
N ASP A 677 -9.83 13.20 -20.53
CA ASP A 677 -8.68 12.95 -19.65
C ASP A 677 -7.78 14.18 -19.61
N ILE A 678 -8.23 15.24 -18.95
CA ILE A 678 -7.51 16.51 -18.94
C ILE A 678 -6.33 16.46 -17.99
N LYS A 679 -5.12 16.30 -18.53
CA LYS A 679 -3.89 16.28 -17.71
C LYS A 679 -3.54 17.70 -17.28
N GLY A 680 -3.57 17.94 -15.97
CA GLY A 680 -3.25 19.23 -15.39
C GLY A 680 -4.19 20.33 -15.80
N MET A 681 -3.87 21.55 -15.36
CA MET A 681 -4.59 22.75 -15.77
C MET A 681 -6.10 22.68 -15.44
N LEU A 682 -6.41 22.37 -14.18
CA LEU A 682 -7.79 22.33 -13.69
C LEU A 682 -7.79 22.39 -12.14
N VAL A 683 -7.52 23.59 -11.61
CA VAL A 683 -7.47 23.82 -10.16
C VAL A 683 -8.69 24.63 -9.71
N VAL A 692 -14.98 32.65 -13.26
CA VAL A 692 -15.86 31.96 -12.33
C VAL A 692 -15.71 30.44 -12.45
N LYS A 693 -15.96 29.74 -11.35
CA LYS A 693 -15.70 28.30 -11.27
C LYS A 693 -16.86 27.44 -10.74
N LYS A 694 -17.84 27.21 -11.62
CA LYS A 694 -18.87 26.17 -11.42
C LYS A 694 -19.78 26.07 -12.66
N VAL A 695 -20.50 27.15 -12.93
CA VAL A 695 -21.39 27.24 -14.11
C VAL A 695 -20.56 27.20 -15.40
N PHE A 696 -19.45 27.94 -15.41
CA PHE A 696 -18.54 28.05 -16.57
C PHE A 696 -17.85 26.73 -16.93
N ASN A 697 -17.54 25.88 -15.92
CA ASN A 697 -16.90 24.58 -16.17
C ASN A 697 -17.75 23.67 -17.05
N GLU A 698 -19.04 23.58 -16.74
CA GLU A 698 -19.95 22.69 -17.47
C GLU A 698 -20.17 23.09 -18.93
N VAL A 699 -20.10 24.39 -19.22
CA VAL A 699 -20.25 24.89 -20.59
C VAL A 699 -19.00 24.54 -21.43
N LYS A 700 -17.81 24.70 -20.83
CA LYS A 700 -16.52 24.41 -21.49
C LYS A 700 -16.38 22.95 -21.93
N GLU A 701 -16.92 22.03 -21.12
CA GLU A 701 -16.78 20.59 -21.34
C GLU A 701 -17.79 20.02 -22.34
N LEU A 702 -19.02 20.55 -22.36
CA LEU A 702 -20.03 20.17 -23.36
C LEU A 702 -19.82 20.85 -24.72
N MET A 703 -19.07 21.97 -24.71
CA MET A 703 -18.67 22.67 -25.94
C MET A 703 -17.55 21.90 -26.62
N ILE A 704 -16.61 21.41 -25.82
CA ILE A 704 -15.49 20.60 -26.31
C ILE A 704 -15.93 19.15 -26.60
N SER A 705 -17.04 18.71 -26.02
CA SER A 705 -17.62 17.39 -26.33
C SER A 705 -18.39 17.41 -27.64
N ILE A 706 -18.77 18.60 -28.12
CA ILE A 706 -19.31 18.77 -29.46
C ILE A 706 -18.24 18.45 -30.52
N ASN A 707 -16.99 18.81 -30.21
CA ASN A 707 -15.88 18.77 -31.17
C ASN A 707 -15.97 17.73 -32.29
N SER A 708 -15.97 18.24 -33.52
CA SER A 708 -15.82 17.45 -34.76
C SER A 708 -14.45 17.85 -35.35
N PRO A 709 -14.09 17.36 -36.55
CA PRO A 709 -12.88 17.85 -37.24
C PRO A 709 -12.82 19.36 -37.61
N ASN A 710 -13.92 20.12 -37.50
CA ASN A 710 -13.92 21.58 -37.71
C ASN A 710 -13.01 22.33 -36.72
N ASP A 711 -12.88 23.65 -36.87
CA ASP A 711 -12.02 24.44 -35.96
C ASP A 711 -12.48 25.87 -35.63
N VAL A 712 -12.43 26.79 -36.61
CA VAL A 712 -12.47 28.24 -36.32
C VAL A 712 -13.76 28.70 -35.64
N LYS A 713 -14.90 28.13 -36.03
CA LYS A 713 -16.19 28.52 -35.43
C LYS A 713 -16.47 27.78 -34.10
N GLU A 714 -15.83 26.63 -33.93
CA GLU A 714 -15.85 25.92 -32.65
C GLU A 714 -15.23 26.78 -31.54
N ILE A 715 -14.20 27.56 -31.90
CA ILE A 715 -13.46 28.39 -30.94
C ILE A 715 -14.09 29.76 -30.70
N LYS A 716 -14.99 30.18 -31.61
CA LYS A 716 -15.70 31.44 -31.46
C LYS A 716 -16.83 31.31 -30.41
N ARG A 717 -17.40 30.11 -30.29
CA ARG A 717 -18.34 29.83 -29.20
C ARG A 717 -17.63 29.99 -27.86
N LYS A 718 -16.37 29.55 -27.79
CA LYS A 718 -15.55 29.60 -26.58
C LYS A 718 -14.84 30.94 -26.36
N ILE A 719 -14.80 31.77 -27.41
CA ILE A 719 -14.21 33.12 -27.34
C ILE A 719 -15.22 34.15 -26.80
N VAL A 720 -16.49 33.75 -26.72
CA VAL A 720 -17.52 34.56 -26.09
C VAL A 720 -17.18 34.81 -24.61
N ASP A 721 -16.51 33.86 -23.96
CA ASP A 721 -16.17 33.93 -22.53
C ASP A 721 -14.75 34.45 -22.23
N VAL A 722 -13.96 34.68 -23.28
CA VAL A 722 -12.60 35.22 -23.15
C VAL A 722 -12.64 36.71 -22.80
N VAL A 723 -13.31 37.47 -23.65
CA VAL A 723 -13.51 38.92 -23.45
C VAL A 723 -14.66 39.20 -22.44
N LYS A 724 -15.62 38.28 -22.35
CA LYS A 724 -16.78 38.43 -21.46
C LYS A 724 -16.39 38.35 -19.98
N GLY A 725 -15.78 37.23 -19.61
CA GLY A 725 -15.35 37.02 -18.23
C GLY A 725 -14.27 37.99 -17.79
N SER A 726 -13.40 38.38 -18.73
CA SER A 726 -12.23 39.23 -18.43
C SER A 726 -12.58 40.70 -18.17
N TYR A 727 -13.57 41.22 -18.89
CA TYR A 727 -13.81 42.67 -18.98
C TYR A 727 -15.11 43.20 -18.32
N GLU A 728 -16.07 42.31 -18.07
CA GLU A 728 -17.42 42.72 -17.62
C GLU A 728 -17.63 42.73 -16.10
N LYS A 729 -16.73 42.09 -15.35
CA LYS A 729 -17.00 41.69 -13.96
C LYS A 729 -17.19 42.84 -12.94
N LEU A 730 -17.03 44.09 -13.40
CA LEU A 730 -17.34 45.27 -12.58
C LEU A 730 -18.76 45.19 -11.98
N LYS A 731 -19.75 44.95 -12.85
CA LYS A 731 -21.15 44.80 -12.42
C LYS A 731 -22.00 44.18 -13.54
N ILE A 802 -9.75 38.69 0.88
CA ILE A 802 -9.15 39.86 0.21
C ILE A 802 -9.12 39.67 -1.31
N ASP A 803 -9.60 40.67 -2.06
CA ASP A 803 -9.55 40.67 -3.53
C ASP A 803 -9.87 42.05 -4.13
N ALA A 804 -9.14 42.45 -5.18
CA ALA A 804 -9.23 43.82 -5.73
C ALA A 804 -9.41 43.91 -7.27
N GLU A 805 -8.32 43.67 -8.02
CA GLU A 805 -8.34 43.75 -9.49
C GLU A 805 -7.52 42.65 -10.21
N LYS A 806 -6.50 42.11 -9.55
CA LYS A 806 -5.76 40.94 -10.05
C LYS A 806 -6.56 39.62 -9.96
N TYR A 807 -7.76 39.68 -9.36
CA TYR A 807 -8.68 38.53 -9.28
C TYR A 807 -8.99 37.84 -10.63
N LEU A 808 -8.94 38.59 -11.73
CA LEU A 808 -9.29 38.08 -13.08
C LEU A 808 -8.20 37.20 -13.74
N GLU A 809 -7.00 37.18 -13.16
CA GLU A 809 -5.94 36.24 -13.59
C GLU A 809 -6.16 34.84 -13.00
N ALA A 810 -6.88 34.77 -11.87
CA ALA A 810 -7.31 33.49 -11.30
C ALA A 810 -8.49 32.86 -12.07
N LEU A 811 -9.27 33.70 -12.78
CA LEU A 811 -10.28 33.22 -13.74
C LEU A 811 -9.61 32.72 -15.01
N ARG A 812 -8.48 33.34 -15.36
CA ARG A 812 -7.71 32.99 -16.56
C ARG A 812 -6.92 31.67 -16.42
N SER A 813 -6.67 31.23 -15.19
CA SER A 813 -5.89 29.99 -14.95
C SER A 813 -6.74 28.71 -15.01
N THR A 814 -8.07 28.85 -15.02
CA THR A 814 -8.98 27.76 -15.38
C THR A 814 -9.38 27.91 -16.86
N PHE A 815 -8.45 28.45 -17.65
CA PHE A 815 -8.66 28.70 -19.08
C PHE A 815 -7.36 29.09 -19.84
N GLU A 816 -6.21 29.06 -19.16
CA GLU A 816 -4.97 29.63 -19.70
C GLU A 816 -4.43 28.82 -20.86
N GLN A 817 -4.38 27.50 -20.68
CA GLN A 817 -3.73 26.60 -21.64
C GLN A 817 -4.63 26.21 -22.83
N ILE A 818 -5.95 26.22 -22.64
CA ILE A 818 -6.89 25.82 -23.70
C ILE A 818 -6.89 26.77 -24.91
N LEU A 819 -6.74 28.07 -24.66
CA LEU A 819 -6.71 29.07 -25.73
C LEU A 819 -5.36 29.13 -26.45
N ARG A 820 -4.32 28.59 -25.83
CA ARG A 820 -3.00 28.51 -26.47
C ARG A 820 -3.02 27.53 -27.64
N ALA A 821 -3.87 26.50 -27.54
CA ALA A 821 -4.02 25.51 -28.60
C ALA A 821 -4.64 26.14 -29.85
N PHE A 822 -5.72 26.89 -29.66
CA PHE A 822 -6.46 27.49 -30.76
C PHE A 822 -5.78 28.76 -31.25
N GLY A 823 -5.82 29.82 -30.44
CA GLY A 823 -5.18 31.10 -30.77
C GLY A 823 -3.92 31.37 -29.97
N VAL A 824 -3.67 32.64 -29.68
CA VAL A 824 -2.44 33.08 -29.00
C VAL A 824 -2.78 34.04 -27.81
N SER A 825 -1.78 34.65 -27.17
CA SER A 825 -1.99 35.54 -26.02
C SER A 825 -2.43 36.97 -26.41
N TRP A 826 -3.16 37.62 -25.52
CA TRP A 826 -3.74 38.95 -25.78
C TRP A 826 -3.69 39.82 -24.52
N ASP A 827 -4.18 41.06 -24.63
CA ASP A 827 -4.28 41.99 -23.49
C ASP A 827 -5.56 42.86 -23.53
N GLU A 828 -5.98 43.35 -22.36
CA GLU A 828 -7.14 44.26 -22.27
C GLU A 828 -6.98 45.25 -21.09
N ILE A 829 -6.15 46.28 -21.30
CA ILE A 829 -5.84 47.30 -20.28
C ILE A 829 -6.62 48.60 -20.53
#